data_4YV0
#
_entry.id   4YV0
#
_cell.length_a   43.560
_cell.length_b   99.783
_cell.length_c   135.005
_cell.angle_alpha   90.00
_cell.angle_beta   90.64
_cell.angle_gamma   90.00
#
_symmetry.space_group_name_H-M   'P 1 21 1'
#
loop_
_entity.id
_entity.type
_entity.pdbx_description
1 polymer 'Spermidine synthase, putative'
2 non-polymer "5'-[(S)-(3-AMINOPROPYL)(METHYL)-LAMBDA~4~-SULFANYL]-5'-DEOXYADENOSINE"
3 non-polymer (2S)-N-methyl-N-phenyl-2,3-dihydro-1,4-benzodioxine-2-carboxamide
4 water water
#
_entity_poly.entity_id   1
_entity_poly.type   'polypeptide(L)'
_entity_poly.pdbx_seq_one_letter_code
;MAHHHHHHMPGSELISGGWFREENDQWPGQAMSLRVEKVLYDAPTKFQHLTIFESDPKGPWGTVMALDGCIQVTDYDEFV
YHEVLGHTSLCSHPKPERVLIIGGGDGGVLREVLRHGTVEHCDLVDIDGEVMEQSKQHFPQISRSLADPRATVRVGDGLA
FVRQTPDNTYDVVIIDTTDPAGPASKLFGEAFYKDVLRILKPDGICCNQGESIWLDLELIEKMSRFIRETGFASVQYALM
HVPTYPCGSIGTLVCSKKAGVDVTKPLRPVEDMPFAKDLKYYDSEMHKASFALPRFARHINNSE
;
_entity_poly.pdbx_strand_id   A,B,C,D
#
# COMPACT_ATOMS: atom_id res chain seq x y z
N GLY A 18 -53.87 2.20 16.24
CA GLY A 18 -53.10 3.37 15.69
C GLY A 18 -51.72 2.92 15.24
N TRP A 19 -51.67 1.85 14.44
CA TRP A 19 -50.41 1.31 13.97
C TRP A 19 -50.38 1.18 12.44
N PHE A 20 -49.23 1.48 11.82
CA PHE A 20 -48.99 1.14 10.42
C PHE A 20 -48.35 -0.25 10.40
N ARG A 21 -48.98 -1.19 9.71
CA ARG A 21 -48.46 -2.54 9.70
C ARG A 21 -47.91 -2.93 8.33
N GLU A 22 -46.68 -3.38 8.27
CA GLU A 22 -46.09 -3.84 7.02
C GLU A 22 -45.92 -5.37 7.02
N GLU A 23 -46.45 -6.05 6.00
CA GLU A 23 -46.36 -7.52 5.91
C GLU A 23 -45.77 -7.98 4.58
N PRO A 28 -44.27 -14.06 4.76
CA PRO A 28 -45.54 -14.66 5.22
C PRO A 28 -45.48 -15.08 6.69
N GLY A 29 -46.47 -14.68 7.47
CA GLY A 29 -46.44 -14.89 8.88
C GLY A 29 -45.44 -14.00 9.63
N GLN A 30 -45.01 -12.88 9.06
CA GLN A 30 -44.26 -11.86 9.87
C GLN A 30 -44.70 -10.47 9.56
N ALA A 31 -44.69 -9.61 10.56
CA ALA A 31 -45.06 -8.21 10.33
C ALA A 31 -44.15 -7.27 11.10
N MET A 32 -44.01 -6.07 10.55
CA MET A 32 -43.24 -5.00 11.20
C MET A 32 -44.09 -3.73 11.31
N SER A 33 -44.26 -3.22 12.53
CA SER A 33 -45.15 -2.09 12.76
C SER A 33 -44.48 -0.87 13.42
N LEU A 34 -44.94 0.29 13.01
CA LEU A 34 -44.61 1.53 13.68
C LEU A 34 -45.92 2.20 14.06
N ARG A 35 -45.95 2.77 15.26
CA ARG A 35 -47.17 3.43 15.79
C ARG A 35 -47.31 4.78 15.11
N VAL A 36 -48.55 5.12 14.71
CA VAL A 36 -48.88 6.34 13.99
C VAL A 36 -49.37 7.38 14.97
N GLU A 37 -48.83 8.58 14.84
CA GLU A 37 -49.23 9.66 15.66
C GLU A 37 -50.20 10.53 14.87
N LYS A 38 -50.02 10.60 13.57
CA LYS A 38 -50.88 11.45 12.75
C LYS A 38 -50.71 11.09 11.30
N VAL A 39 -51.83 10.94 10.61
CA VAL A 39 -51.82 10.67 9.19
C VAL A 39 -51.77 11.98 8.39
N LEU A 40 -50.70 12.12 7.59
CA LEU A 40 -50.43 13.32 6.80
C LEU A 40 -50.91 13.18 5.39
N TYR A 41 -50.84 11.96 4.85
CA TYR A 41 -51.26 11.72 3.47
C TYR A 41 -51.48 10.23 3.29
N ASP A 42 -52.51 9.91 2.50
CA ASP A 42 -52.87 8.54 2.24
C ASP A 42 -53.85 8.38 1.06
N ALA A 43 -53.30 8.27 -0.14
CA ALA A 43 -54.13 8.20 -1.34
C ALA A 43 -53.43 7.34 -2.38
N PRO A 44 -54.22 6.66 -3.22
CA PRO A 44 -53.66 6.18 -4.45
C PRO A 44 -53.23 7.35 -5.30
N THR A 45 -52.22 7.03 -6.09
CA THR A 45 -51.66 7.92 -7.03
C THR A 45 -52.01 7.25 -8.34
N LYS A 46 -51.65 7.87 -9.43
CA LYS A 46 -51.84 7.28 -10.73
C LYS A 46 -51.00 6.02 -10.82
N PHE A 47 -49.99 5.90 -9.95
CA PHE A 47 -49.10 4.78 -10.08
C PHE A 47 -48.98 3.86 -8.83
N GLN A 48 -49.30 4.35 -7.66
CA GLN A 48 -49.04 3.53 -6.48
C GLN A 48 -49.72 4.11 -5.27
N HIS A 49 -49.81 3.35 -4.19
CA HIS A 49 -50.37 3.87 -2.95
C HIS A 49 -49.33 4.58 -2.09
N LEU A 50 -49.56 5.86 -1.86
CA LEU A 50 -48.67 6.72 -1.08
C LEU A 50 -49.30 7.04 0.23
N THR A 51 -48.56 6.67 1.28
CA THR A 51 -48.90 6.93 2.68
C THR A 51 -47.75 7.66 3.38
N ILE A 52 -48.08 8.75 4.06
CA ILE A 52 -47.10 9.56 4.78
C ILE A 52 -47.67 9.80 6.16
N PHE A 53 -46.87 9.56 7.20
CA PHE A 53 -47.36 9.79 8.55
C PHE A 53 -46.30 10.25 9.52
N GLU A 54 -46.77 10.92 10.57
CA GLU A 54 -45.90 11.23 11.70
C GLU A 54 -46.01 10.07 12.72
N SER A 55 -44.86 9.48 13.06
CA SER A 55 -44.82 8.27 13.85
C SER A 55 -44.79 8.72 15.30
N ASP A 56 -44.78 7.78 16.23
CA ASP A 56 -44.77 8.08 17.68
C ASP A 56 -43.69 9.07 18.13
N PRO A 57 -44.09 10.26 18.69
CA PRO A 57 -43.03 11.20 19.09
C PRO A 57 -42.10 10.68 20.19
N LYS A 58 -42.44 9.56 20.82
CA LYS A 58 -41.57 8.98 21.86
C LYS A 58 -40.51 8.06 21.26
N GLY A 59 -40.70 7.63 20.00
CA GLY A 59 -39.69 6.93 19.23
C GLY A 59 -38.89 7.86 18.31
N PRO A 60 -37.89 7.30 17.60
CA PRO A 60 -36.98 8.20 16.91
C PRO A 60 -37.35 8.46 15.45
N TRP A 61 -38.34 7.76 14.90
CA TRP A 61 -38.39 7.66 13.41
C TRP A 61 -38.83 8.94 12.68
N GLY A 62 -39.54 9.83 13.34
CA GLY A 62 -40.02 11.06 12.68
C GLY A 62 -41.13 10.78 11.67
N THR A 63 -41.15 11.55 10.57
CA THR A 63 -42.08 11.35 9.45
C THR A 63 -41.68 10.14 8.61
N VAL A 64 -42.68 9.38 8.17
CA VAL A 64 -42.44 8.11 7.51
C VAL A 64 -43.29 8.17 6.26
N MET A 65 -42.68 7.78 5.14
CA MET A 65 -43.33 7.60 3.84
C MET A 65 -43.32 6.11 3.43
N ALA A 66 -44.45 5.59 2.93
CA ALA A 66 -44.50 4.23 2.46
C ALA A 66 -45.16 4.26 1.11
N LEU A 67 -44.77 3.32 0.23
CA LEU A 67 -45.33 3.23 -1.10
C LEU A 67 -45.78 1.78 -1.26
N ASP A 68 -46.99 1.57 -1.77
CA ASP A 68 -47.61 0.24 -1.84
C ASP A 68 -47.35 -0.57 -0.56
N GLY A 69 -47.53 0.07 0.59
CA GLY A 69 -47.49 -0.67 1.87
C GLY A 69 -46.08 -0.93 2.37
N CYS A 70 -45.07 -0.47 1.61
CA CYS A 70 -43.61 -0.68 1.98
C CYS A 70 -42.94 0.60 2.44
N ILE A 71 -42.41 0.60 3.65
CA ILE A 71 -41.66 1.80 4.09
C ILE A 71 -40.50 2.18 3.12
N GLN A 72 -40.46 3.44 2.67
CA GLN A 72 -39.44 3.88 1.73
C GLN A 72 -38.46 4.85 2.39
N VAL A 73 -38.95 5.69 3.31
CA VAL A 73 -38.14 6.77 3.83
C VAL A 73 -38.59 7.08 5.26
N THR A 74 -37.66 7.28 6.17
CA THR A 74 -38.06 7.87 7.47
C THR A 74 -37.08 8.97 7.72
N ASP A 75 -37.50 9.96 8.49
CA ASP A 75 -36.56 11.03 8.89
C ASP A 75 -35.34 10.41 9.56
N TYR A 76 -35.49 9.38 10.38
CA TYR A 76 -34.38 9.04 11.26
C TYR A 76 -33.26 8.41 10.44
N ASP A 77 -33.62 7.57 9.49
CA ASP A 77 -32.57 6.76 8.86
C ASP A 77 -32.37 6.91 7.40
N GLU A 78 -33.09 7.85 6.76
CA GLU A 78 -32.92 7.98 5.30
C GLU A 78 -31.47 8.29 4.88
N PHE A 79 -30.68 8.94 5.73
CA PHE A 79 -29.28 9.23 5.33
C PHE A 79 -28.53 7.99 4.87
N VAL A 80 -28.85 6.83 5.46
CA VAL A 80 -28.03 5.65 5.13
C VAL A 80 -28.12 5.33 3.65
N TYR A 81 -29.29 4.95 3.21
CA TYR A 81 -29.41 4.47 1.85
C TYR A 81 -29.02 5.60 0.90
N HIS A 82 -29.43 6.84 1.18
CA HIS A 82 -29.05 7.96 0.26
C HIS A 82 -27.54 8.21 0.16
N GLU A 83 -26.84 8.21 1.32
CA GLU A 83 -25.36 8.35 1.26
C GLU A 83 -24.71 7.20 0.57
N VAL A 84 -25.13 5.95 0.85
CA VAL A 84 -24.43 4.78 0.27
C VAL A 84 -24.64 4.80 -1.27
N LEU A 85 -25.87 5.00 -1.74
CA LEU A 85 -26.05 5.01 -3.16
C LEU A 85 -25.30 6.14 -3.85
N GLY A 86 -25.47 7.34 -3.34
CA GLY A 86 -24.88 8.53 -3.97
C GLY A 86 -23.37 8.47 -3.87
N HIS A 87 -22.81 8.07 -2.74
CA HIS A 87 -21.36 8.22 -2.64
C HIS A 87 -20.57 6.99 -3.08
N THR A 88 -21.11 5.80 -2.83
CA THR A 88 -20.47 4.59 -3.36
C THR A 88 -20.30 4.66 -4.87
N SER A 89 -21.30 5.16 -5.53
CA SER A 89 -21.14 5.27 -6.96
C SER A 89 -20.23 6.42 -7.39
N LEU A 90 -20.44 7.61 -6.85
CA LEU A 90 -19.65 8.72 -7.36
C LEU A 90 -18.17 8.61 -6.97
N CYS A 91 -17.89 7.99 -5.82
CA CYS A 91 -16.52 7.80 -5.36
C CYS A 91 -15.81 6.66 -6.08
N SER A 92 -16.55 5.92 -6.89
CA SER A 92 -15.99 4.85 -7.72
C SER A 92 -15.76 5.27 -9.19
N HIS A 93 -16.24 6.46 -9.54
CA HIS A 93 -16.03 7.05 -10.84
C HIS A 93 -14.80 8.05 -10.86
N PRO A 94 -14.01 8.07 -11.96
CA PRO A 94 -12.83 8.97 -11.98
C PRO A 94 -13.15 10.46 -12.01
N LYS A 95 -14.31 10.82 -12.54
CA LYS A 95 -14.67 12.24 -12.61
C LYS A 95 -16.14 12.39 -13.02
N PRO A 96 -17.04 12.36 -12.03
CA PRO A 96 -18.45 12.20 -12.40
C PRO A 96 -19.08 13.53 -12.65
N GLU A 97 -19.37 13.87 -13.89
CA GLU A 97 -19.86 15.22 -14.21
C GLU A 97 -21.36 15.26 -14.59
N ARG A 98 -21.88 14.18 -15.16
CA ARG A 98 -23.25 14.09 -15.60
C ARG A 98 -23.87 12.84 -15.01
N VAL A 99 -24.91 13.04 -14.21
CA VAL A 99 -25.43 11.95 -13.40
C VAL A 99 -26.91 11.81 -13.72
N LEU A 100 -27.37 10.57 -13.87
CA LEU A 100 -28.79 10.31 -13.99
C LEU A 100 -29.32 9.53 -12.76
N ILE A 101 -30.43 10.02 -12.17
CA ILE A 101 -31.14 9.27 -11.13
C ILE A 101 -32.46 8.83 -11.69
N ILE A 102 -32.72 7.52 -11.61
CA ILE A 102 -34.02 6.98 -12.03
C ILE A 102 -34.75 6.62 -10.78
N GLY A 103 -35.98 7.13 -10.65
CA GLY A 103 -36.73 7.11 -9.41
C GLY A 103 -36.32 8.27 -8.49
N GLY A 104 -36.10 7.97 -7.20
CA GLY A 104 -35.47 8.98 -6.37
C GLY A 104 -36.25 10.27 -6.18
N GLY A 105 -37.58 10.17 -6.35
CA GLY A 105 -38.49 11.31 -6.27
C GLY A 105 -38.50 12.06 -4.95
N ASP A 106 -38.13 11.39 -3.85
CA ASP A 106 -38.04 12.09 -2.55
C ASP A 106 -36.90 13.10 -2.50
N GLY A 107 -35.87 12.96 -3.35
CA GLY A 107 -34.79 13.92 -3.32
C GLY A 107 -33.50 13.52 -2.62
N GLY A 108 -33.50 12.39 -1.92
CA GLY A 108 -32.35 12.17 -0.97
C GLY A 108 -31.10 11.76 -1.74
N VAL A 109 -31.25 10.90 -2.76
CA VAL A 109 -30.04 10.53 -3.56
C VAL A 109 -29.50 11.80 -4.23
N LEU A 110 -30.38 12.57 -4.80
CA LEU A 110 -29.98 13.86 -5.41
C LEU A 110 -29.20 14.78 -4.44
N ARG A 111 -29.66 14.91 -3.21
CA ARG A 111 -29.01 15.75 -2.25
C ARG A 111 -27.54 15.28 -2.11
N GLU A 112 -27.32 13.97 -2.02
CA GLU A 112 -25.93 13.41 -1.91
C GLU A 112 -25.06 13.61 -3.14
N VAL A 113 -25.59 13.23 -4.29
CA VAL A 113 -24.99 13.52 -5.64
C VAL A 113 -24.45 15.02 -5.77
N LEU A 114 -25.27 15.97 -5.36
CA LEU A 114 -24.98 17.43 -5.45
C LEU A 114 -23.92 17.93 -4.48
N ARG A 115 -23.56 17.09 -3.51
CA ARG A 115 -22.44 17.46 -2.65
C ARG A 115 -21.13 17.45 -3.40
N HIS A 116 -21.08 16.63 -4.45
CA HIS A 116 -19.84 16.46 -5.24
C HIS A 116 -19.59 17.67 -6.17
N GLY A 117 -18.40 18.27 -6.03
CA GLY A 117 -17.98 19.45 -6.83
C GLY A 117 -17.85 19.14 -8.32
N THR A 118 -17.60 17.86 -8.66
CA THR A 118 -17.38 17.50 -10.03
C THR A 118 -18.69 17.45 -10.82
N VAL A 119 -19.84 17.42 -10.15
CA VAL A 119 -21.13 17.25 -10.79
C VAL A 119 -21.55 18.59 -11.43
N GLU A 120 -21.61 18.58 -12.76
CA GLU A 120 -22.16 19.71 -13.54
C GLU A 120 -23.65 19.67 -13.63
N HIS A 121 -24.19 18.46 -13.74
CA HIS A 121 -25.62 18.34 -13.97
C HIS A 121 -26.16 16.97 -13.58
N CYS A 122 -27.33 16.94 -12.97
CA CYS A 122 -28.01 15.70 -12.66
C CYS A 122 -29.41 15.75 -13.18
N ASP A 123 -29.81 14.74 -13.96
CA ASP A 123 -31.22 14.55 -14.35
C ASP A 123 -31.86 13.55 -13.42
N LEU A 124 -33.08 13.85 -12.97
CA LEU A 124 -33.76 12.92 -12.11
C LEU A 124 -35.09 12.64 -12.74
N VAL A 125 -35.38 11.35 -12.87
CA VAL A 125 -36.65 10.99 -13.54
C VAL A 125 -37.44 10.04 -12.72
N ASP A 126 -38.55 10.56 -12.14
CA ASP A 126 -39.41 9.72 -11.35
C ASP A 126 -40.83 9.66 -11.95
N ILE A 127 -41.45 8.48 -11.98
CA ILE A 127 -42.74 8.24 -12.71
C ILE A 127 -43.86 8.91 -12.00
N ASP A 128 -43.68 9.14 -10.70
CA ASP A 128 -44.76 9.58 -9.85
C ASP A 128 -44.52 11.01 -9.35
N GLY A 129 -45.15 11.99 -9.97
CA GLY A 129 -45.02 13.40 -9.54
C GLY A 129 -45.63 13.67 -8.19
N GLU A 130 -46.58 12.84 -7.79
CA GLU A 130 -47.15 13.04 -6.48
C GLU A 130 -46.11 12.74 -5.35
N VAL A 131 -45.18 11.84 -5.61
CA VAL A 131 -44.12 11.57 -4.62
C VAL A 131 -43.23 12.81 -4.39
N MET A 132 -42.84 13.46 -5.50
CA MET A 132 -42.07 14.73 -5.48
C MET A 132 -42.87 15.76 -4.70
N GLU A 133 -44.14 15.93 -5.09
CA GLU A 133 -45.01 16.91 -4.40
C GLU A 133 -45.10 16.67 -2.91
N GLN A 134 -45.40 15.44 -2.53
CA GLN A 134 -45.48 15.11 -1.11
C GLN A 134 -44.16 15.18 -0.38
N SER A 135 -43.06 14.95 -1.09
CA SER A 135 -41.76 15.12 -0.42
C SER A 135 -41.34 16.59 -0.16
N LYS A 136 -41.70 17.46 -1.07
CA LYS A 136 -41.48 18.88 -0.86
C LYS A 136 -42.33 19.34 0.34
N GLN A 137 -43.54 18.81 0.44
CA GLN A 137 -44.46 19.14 1.55
C GLN A 137 -44.10 18.59 2.92
N HIS A 138 -43.58 17.34 2.98
CA HIS A 138 -43.47 16.68 4.27
C HIS A 138 -42.03 16.25 4.64
N PHE A 139 -41.15 16.17 3.64
CA PHE A 139 -39.72 15.97 3.90
C PHE A 139 -38.84 17.07 3.31
N PRO A 140 -38.90 18.28 3.90
CA PRO A 140 -38.07 19.33 3.29
C PRO A 140 -36.51 19.19 3.45
N GLN A 141 -36.01 18.52 4.48
CA GLN A 141 -34.57 18.21 4.56
C GLN A 141 -34.06 17.24 3.47
N ILE A 142 -34.98 16.58 2.79
CA ILE A 142 -34.59 15.61 1.77
C ILE A 142 -34.84 16.18 0.38
N SER A 143 -35.96 16.88 0.22
CA SER A 143 -36.41 17.27 -1.11
C SER A 143 -35.96 18.67 -1.52
N ARG A 144 -35.19 19.37 -0.67
CA ARG A 144 -34.71 20.73 -1.03
C ARG A 144 -33.91 20.64 -2.32
N SER A 145 -33.19 19.54 -2.47
CA SER A 145 -32.33 19.27 -3.62
C SER A 145 -33.06 19.34 -4.98
N LEU A 146 -34.36 19.08 -4.99
CA LEU A 146 -35.20 19.07 -6.22
C LEU A 146 -35.22 20.42 -6.97
N ALA A 147 -34.99 21.52 -6.25
CA ALA A 147 -34.94 22.84 -6.84
C ALA A 147 -33.50 23.34 -7.02
N ASP A 148 -32.46 22.49 -6.89
CA ASP A 148 -31.09 22.91 -7.27
C ASP A 148 -30.97 23.20 -8.77
N PRO A 149 -30.30 24.30 -9.14
CA PRO A 149 -30.13 24.67 -10.58
C PRO A 149 -29.23 23.68 -11.36
N ARG A 150 -28.42 22.89 -10.65
CA ARG A 150 -27.69 21.82 -11.32
C ARG A 150 -28.57 20.58 -11.63
N ALA A 151 -29.83 20.58 -11.18
CA ALA A 151 -30.68 19.42 -11.38
C ALA A 151 -31.82 19.71 -12.34
N THR A 152 -32.19 18.72 -13.14
CA THR A 152 -33.47 18.76 -13.85
C THR A 152 -34.32 17.58 -13.45
N VAL A 153 -35.50 17.88 -12.90
CA VAL A 153 -36.43 16.92 -12.45
C VAL A 153 -37.53 16.72 -13.50
N ARG A 154 -37.71 15.49 -13.95
CA ARG A 154 -38.74 15.08 -14.87
C ARG A 154 -39.66 14.09 -14.19
N VAL A 155 -40.92 14.15 -14.61
CA VAL A 155 -41.93 13.24 -14.17
C VAL A 155 -42.10 12.32 -15.35
N GLY A 156 -41.80 11.04 -15.17
CA GLY A 156 -41.88 10.09 -16.29
C GLY A 156 -41.29 8.74 -16.00
N ASP A 157 -41.63 7.78 -16.86
CA ASP A 157 -41.20 6.42 -16.68
C ASP A 157 -39.75 6.36 -17.03
N GLY A 158 -38.91 5.77 -16.16
CA GLY A 158 -37.49 5.64 -16.51
C GLY A 158 -37.10 4.71 -17.66
N LEU A 159 -37.87 3.64 -17.88
CA LEU A 159 -37.62 2.74 -19.01
C LEU A 159 -37.70 3.57 -20.34
N ALA A 160 -38.74 4.39 -20.47
CA ALA A 160 -38.97 5.15 -21.72
C ALA A 160 -37.92 6.28 -21.82
N PHE A 161 -37.51 6.86 -20.68
CA PHE A 161 -36.47 7.86 -20.69
C PHE A 161 -35.12 7.35 -21.20
N VAL A 162 -34.65 6.21 -20.69
CA VAL A 162 -33.32 5.75 -21.15
C VAL A 162 -33.41 5.29 -22.64
N ARG A 163 -34.56 4.79 -23.03
CA ARG A 163 -34.75 4.41 -24.43
C ARG A 163 -34.56 5.62 -25.31
N GLN A 164 -34.99 6.79 -24.88
CA GLN A 164 -34.89 8.02 -25.67
C GLN A 164 -33.65 8.87 -25.39
N THR A 165 -32.63 8.26 -24.76
CA THR A 165 -31.41 8.99 -24.41
C THR A 165 -30.30 8.52 -25.32
N PRO A 166 -29.49 9.44 -25.85
CA PRO A 166 -28.40 9.09 -26.77
C PRO A 166 -27.30 8.33 -26.03
N ASP A 167 -26.50 7.60 -26.79
CA ASP A 167 -25.35 6.83 -26.29
C ASP A 167 -24.41 7.74 -25.54
N ASN A 168 -23.70 7.24 -24.54
CA ASN A 168 -22.65 8.03 -23.86
C ASN A 168 -23.07 9.40 -23.35
N THR A 169 -24.27 9.46 -22.76
CA THR A 169 -24.77 10.65 -22.11
C THR A 169 -24.25 10.79 -20.64
N TYR A 170 -24.16 9.69 -19.88
CA TYR A 170 -24.02 9.82 -18.43
C TYR A 170 -22.77 9.14 -17.96
N ASP A 171 -22.13 9.77 -16.98
CA ASP A 171 -21.05 9.14 -16.22
C ASP A 171 -21.52 8.13 -15.18
N VAL A 172 -22.64 8.45 -14.50
CA VAL A 172 -23.15 7.61 -13.42
C VAL A 172 -24.67 7.53 -13.62
N VAL A 173 -25.23 6.31 -13.56
CA VAL A 173 -26.70 6.15 -13.47
C VAL A 173 -27.03 5.46 -12.14
N ILE A 174 -27.90 6.09 -11.34
CA ILE A 174 -28.38 5.55 -10.06
C ILE A 174 -29.87 5.21 -10.17
N ILE A 175 -30.17 3.91 -10.03
CA ILE A 175 -31.55 3.34 -10.07
C ILE A 175 -32.13 3.13 -8.63
N ASP A 176 -32.72 4.20 -8.12
CA ASP A 176 -33.38 4.29 -6.77
C ASP A 176 -34.89 4.12 -6.88
N THR A 177 -35.30 2.90 -7.15
CA THR A 177 -36.69 2.52 -7.33
C THR A 177 -37.31 1.62 -6.21
N THR A 178 -38.62 1.39 -6.35
CA THR A 178 -39.48 0.64 -5.41
C THR A 178 -39.28 -0.88 -5.44
N ALA A 191 -34.31 -4.87 -22.24
CA ALA A 191 -34.01 -3.66 -23.04
C ALA A 191 -33.50 -2.50 -22.11
N PHE A 192 -33.89 -2.53 -20.83
CA PHE A 192 -33.56 -1.49 -19.84
C PHE A 192 -32.07 -1.47 -19.47
N TYR A 193 -31.57 -2.56 -18.92
CA TYR A 193 -30.19 -2.62 -18.51
C TYR A 193 -29.20 -2.46 -19.74
N LYS A 194 -29.69 -2.73 -20.95
CA LYS A 194 -28.92 -2.49 -22.18
C LYS A 194 -28.95 -1.00 -22.53
N ASP A 195 -30.14 -0.40 -22.42
CA ASP A 195 -30.22 1.02 -22.53
C ASP A 195 -29.32 1.68 -21.48
N VAL A 196 -29.36 1.21 -20.22
CA VAL A 196 -28.47 1.82 -19.19
C VAL A 196 -27.03 1.65 -19.62
N LEU A 197 -26.69 0.46 -20.09
CA LEU A 197 -25.29 0.25 -20.48
C LEU A 197 -24.91 1.25 -21.62
N ARG A 198 -25.83 1.42 -22.56
CA ARG A 198 -25.63 2.21 -23.80
C ARG A 198 -25.51 3.71 -23.48
N ILE A 199 -26.36 4.24 -22.58
CA ILE A 199 -26.36 5.68 -22.27
C ILE A 199 -25.21 6.10 -21.35
N LEU A 200 -24.51 5.13 -20.78
CA LEU A 200 -23.32 5.44 -20.02
C LEU A 200 -22.09 5.59 -20.95
N LYS A 201 -21.19 6.49 -20.57
CA LYS A 201 -19.88 6.69 -21.19
C LYS A 201 -19.04 5.50 -20.84
N PRO A 202 -17.91 5.29 -21.56
CA PRO A 202 -17.11 4.10 -21.34
C PRO A 202 -16.67 3.89 -19.90
N ASP A 203 -16.48 4.96 -19.12
CA ASP A 203 -16.07 4.79 -17.70
C ASP A 203 -17.31 4.77 -16.79
N GLY A 204 -18.48 4.56 -17.37
CA GLY A 204 -19.73 4.63 -16.63
C GLY A 204 -19.90 3.68 -15.43
N ILE A 205 -20.63 4.15 -14.39
CA ILE A 205 -20.92 3.40 -13.21
C ILE A 205 -22.45 3.41 -13.12
N CYS A 206 -23.07 2.24 -12.85
CA CYS A 206 -24.52 2.11 -12.61
C CYS A 206 -24.66 1.59 -11.20
N CYS A 207 -25.50 2.24 -10.37
CA CYS A 207 -25.94 1.51 -9.21
C CYS A 207 -27.44 1.43 -8.97
N ASN A 208 -27.88 0.37 -8.31
CA ASN A 208 -29.33 0.17 -8.15
C ASN A 208 -29.80 -0.09 -6.70
N GLN A 209 -31.12 -0.14 -6.49
CA GLN A 209 -31.68 -0.53 -5.19
C GLN A 209 -31.57 -2.05 -5.29
N GLY A 210 -30.75 -2.66 -4.45
CA GLY A 210 -30.32 -4.06 -4.68
C GLY A 210 -30.93 -5.19 -3.83
N GLU A 211 -31.87 -4.85 -2.97
CA GLU A 211 -32.61 -5.91 -2.29
C GLU A 211 -31.84 -6.53 -1.11
N SER A 212 -32.50 -7.43 -0.41
CA SER A 212 -32.04 -7.98 0.86
C SER A 212 -31.40 -9.38 0.74
N ILE A 213 -30.21 -9.53 1.28
CA ILE A 213 -29.62 -10.90 1.36
C ILE A 213 -30.37 -11.94 2.19
N TRP A 214 -31.22 -11.47 3.13
CA TRP A 214 -32.07 -12.32 3.97
C TRP A 214 -33.36 -12.72 3.26
N LEU A 215 -33.91 -11.83 2.44
CA LEU A 215 -35.26 -12.03 1.85
C LEU A 215 -35.22 -12.35 0.37
N ASP A 216 -34.18 -11.90 -0.33
CA ASP A 216 -34.14 -11.90 -1.79
C ASP A 216 -32.86 -12.38 -2.34
N LEU A 217 -32.16 -13.27 -1.64
CA LEU A 217 -30.83 -13.67 -2.07
C LEU A 217 -30.84 -14.26 -3.50
N GLU A 218 -31.87 -15.05 -3.81
CA GLU A 218 -31.93 -15.72 -5.16
C GLU A 218 -32.07 -14.63 -6.26
N LEU A 219 -32.86 -13.63 -6.00
CA LEU A 219 -33.06 -12.47 -6.97
C LEU A 219 -31.76 -11.67 -7.15
N ILE A 220 -31.04 -11.45 -6.06
CA ILE A 220 -29.76 -10.75 -6.18
C ILE A 220 -28.79 -11.51 -7.07
N GLU A 221 -28.67 -12.82 -6.93
CA GLU A 221 -27.74 -13.62 -7.76
C GLU A 221 -28.18 -13.56 -9.24
N LYS A 222 -29.45 -13.68 -9.49
CA LYS A 222 -29.99 -13.66 -10.85
C LYS A 222 -29.66 -12.29 -11.45
N MET A 223 -29.97 -11.20 -10.71
CA MET A 223 -29.72 -9.83 -11.25
C MET A 223 -28.26 -9.60 -11.47
N SER A 224 -27.41 -10.02 -10.51
CA SER A 224 -26.00 -9.79 -10.71
C SER A 224 -25.53 -10.54 -11.97
N ARG A 225 -25.93 -11.81 -12.21
CA ARG A 225 -25.64 -12.45 -13.53
C ARG A 225 -26.21 -11.72 -14.78
N PHE A 226 -27.48 -11.34 -14.76
CA PHE A 226 -28.18 -10.74 -15.86
C PHE A 226 -27.54 -9.39 -16.23
N ILE A 227 -27.01 -8.66 -15.24
CA ILE A 227 -26.36 -7.35 -15.52
C ILE A 227 -24.98 -7.55 -16.13
N ARG A 228 -24.23 -8.54 -15.63
CA ARG A 228 -22.97 -8.89 -16.26
C ARG A 228 -23.19 -9.38 -17.73
N GLU A 229 -24.25 -10.16 -17.95
CA GLU A 229 -24.54 -10.79 -19.23
C GLU A 229 -24.91 -9.73 -20.20
N THR A 230 -25.76 -8.81 -19.78
CA THR A 230 -26.12 -7.66 -20.60
C THR A 230 -24.91 -6.82 -21.08
N GLY A 231 -23.73 -7.03 -20.51
CA GLY A 231 -22.58 -6.30 -20.94
C GLY A 231 -21.73 -5.56 -19.94
N PHE A 232 -22.21 -5.31 -18.72
CA PHE A 232 -21.35 -4.70 -17.73
C PHE A 232 -20.21 -5.61 -17.42
N ALA A 233 -19.06 -5.02 -17.19
CA ALA A 233 -17.82 -5.75 -16.95
C ALA A 233 -17.62 -6.29 -15.53
N SER A 234 -18.18 -5.60 -14.55
CA SER A 234 -18.15 -6.07 -13.16
C SER A 234 -19.46 -5.57 -12.46
N VAL A 235 -19.90 -6.35 -11.46
CA VAL A 235 -21.07 -6.07 -10.61
C VAL A 235 -20.67 -6.56 -9.21
N GLN A 236 -20.84 -5.73 -8.19
CA GLN A 236 -20.48 -6.08 -6.82
C GLN A 236 -21.56 -5.51 -5.95
N TYR A 237 -21.94 -6.29 -4.93
CA TYR A 237 -23.08 -5.92 -4.11
C TYR A 237 -22.51 -5.29 -2.85
N ALA A 238 -23.03 -4.09 -2.50
CA ALA A 238 -22.61 -3.32 -1.32
C ALA A 238 -23.75 -3.36 -0.33
N LEU A 239 -23.45 -3.92 0.84
CA LEU A 239 -24.45 -4.19 1.86
C LEU A 239 -24.55 -2.99 2.85
N MET A 240 -25.70 -2.67 3.41
CA MET A 240 -25.75 -1.50 4.34
C MET A 240 -26.80 -1.75 5.43
N HIS A 241 -26.60 -1.11 6.58
CA HIS A 241 -27.51 -1.26 7.73
C HIS A 241 -28.68 -0.26 7.70
N VAL A 242 -29.89 -0.67 7.42
CA VAL A 242 -31.05 0.24 7.37
C VAL A 242 -32.13 -0.33 8.28
N PRO A 243 -32.29 0.27 9.48
CA PRO A 243 -33.21 -0.25 10.50
C PRO A 243 -34.67 -0.37 10.04
N THR A 244 -35.11 0.47 9.11
CA THR A 244 -36.56 0.44 8.79
C THR A 244 -36.90 -0.33 7.49
N TYR A 245 -35.91 -1.02 6.93
CA TYR A 245 -36.20 -1.90 5.80
C TYR A 245 -36.29 -3.32 6.36
N PRO A 246 -37.13 -4.16 5.72
CA PRO A 246 -37.37 -5.51 6.23
C PRO A 246 -36.05 -6.30 6.54
N CYS A 247 -35.95 -6.85 7.74
CA CYS A 247 -34.74 -7.53 8.26
C CYS A 247 -33.51 -6.67 8.47
N GLY A 248 -33.70 -5.35 8.38
CA GLY A 248 -32.67 -4.38 8.78
C GLY A 248 -31.47 -4.13 7.88
N SER A 249 -31.47 -4.70 6.67
CA SER A 249 -30.40 -4.40 5.71
C SER A 249 -31.00 -4.23 4.29
N ILE A 250 -30.26 -3.55 3.44
CA ILE A 250 -30.52 -3.60 2.03
C ILE A 250 -29.17 -3.50 1.37
N GLY A 251 -29.13 -3.60 0.04
CA GLY A 251 -27.84 -3.40 -0.61
C GLY A 251 -27.96 -2.71 -1.96
N THR A 252 -26.83 -2.50 -2.62
CA THR A 252 -26.92 -1.93 -3.98
C THR A 252 -25.96 -2.67 -4.83
N LEU A 253 -26.31 -3.00 -6.06
CA LEU A 253 -25.29 -3.57 -6.99
C LEU A 253 -24.57 -2.45 -7.68
N VAL A 254 -23.24 -2.44 -7.51
CA VAL A 254 -22.40 -1.47 -8.09
C VAL A 254 -21.66 -2.09 -9.30
N CYS A 255 -21.99 -1.53 -10.49
CA CYS A 255 -21.70 -2.17 -11.76
C CYS A 255 -20.86 -1.20 -12.55
N SER A 256 -19.82 -1.71 -13.19
CA SER A 256 -18.91 -0.86 -13.93
C SER A 256 -18.99 -1.23 -15.46
N LYS A 257 -19.26 -0.25 -16.33
CA LYS A 257 -19.29 -0.50 -17.81
C LYS A 257 -17.87 -0.89 -18.26
N LYS A 258 -16.91 -0.18 -17.73
CA LYS A 258 -15.51 -0.42 -18.01
C LYS A 258 -14.97 -1.62 -17.27
N ALA A 259 -14.33 -2.51 -18.03
CA ALA A 259 -13.66 -3.69 -17.50
C ALA A 259 -12.48 -3.32 -16.63
N GLY A 260 -12.06 -4.23 -15.75
CA GLY A 260 -10.88 -3.99 -14.91
C GLY A 260 -11.03 -3.03 -13.75
N VAL A 261 -12.26 -2.60 -13.44
CA VAL A 261 -12.53 -1.63 -12.36
C VAL A 261 -12.91 -2.40 -11.09
N ASP A 262 -12.27 -2.08 -9.99
CA ASP A 262 -12.56 -2.71 -8.72
C ASP A 262 -13.33 -1.71 -7.87
N VAL A 263 -14.68 -1.73 -7.90
CA VAL A 263 -15.47 -0.71 -7.18
C VAL A 263 -15.45 -0.88 -5.67
N THR A 264 -14.99 -2.05 -5.17
CA THR A 264 -14.97 -2.28 -3.71
C THR A 264 -13.97 -1.45 -2.88
N LYS A 265 -13.00 -0.83 -3.54
CA LYS A 265 -12.14 0.18 -2.92
C LYS A 265 -12.43 1.56 -3.58
N PRO A 266 -12.62 2.65 -2.78
CA PRO A 266 -12.92 3.98 -3.41
C PRO A 266 -11.82 4.52 -4.28
N LEU A 267 -12.25 4.92 -5.47
CA LEU A 267 -11.37 5.44 -6.49
C LEU A 267 -11.01 6.88 -6.15
N ARG A 268 -12.00 7.62 -5.70
CA ARG A 268 -11.84 8.99 -5.25
C ARG A 268 -12.38 9.15 -3.81
N PRO A 269 -11.51 8.93 -2.84
CA PRO A 269 -11.94 8.82 -1.47
C PRO A 269 -12.59 10.11 -0.98
N VAL A 270 -13.71 9.92 -0.26
CA VAL A 270 -14.54 11.06 0.19
C VAL A 270 -13.76 11.92 1.19
N GLU A 271 -12.86 11.30 1.95
CA GLU A 271 -12.04 12.07 2.96
C GLU A 271 -11.26 13.26 2.36
N ASP A 272 -10.90 13.17 1.08
CA ASP A 272 -10.22 14.23 0.33
C ASP A 272 -11.17 15.32 -0.24
N MET A 273 -12.50 15.18 -0.07
CA MET A 273 -13.47 16.14 -0.54
C MET A 273 -13.97 16.96 0.64
N PRO A 274 -14.53 18.15 0.41
CA PRO A 274 -14.71 19.05 1.56
C PRO A 274 -15.97 18.75 2.40
N PHE A 275 -16.90 17.89 1.91
CA PHE A 275 -18.14 17.58 2.66
C PHE A 275 -18.09 16.26 3.50
N ALA A 276 -16.92 15.61 3.57
CA ALA A 276 -16.71 14.24 4.18
C ALA A 276 -17.26 14.27 5.58
N LYS A 277 -17.07 15.37 6.30
CA LYS A 277 -17.58 15.34 7.68
C LYS A 277 -19.04 15.68 7.81
N ASP A 278 -19.72 16.09 6.74
CA ASP A 278 -21.15 16.37 6.84
C ASP A 278 -21.96 15.08 6.81
N LEU A 279 -21.34 14.00 6.36
CA LEU A 279 -22.00 12.68 6.23
C LEU A 279 -22.15 11.99 7.60
N LYS A 280 -23.26 11.28 7.75
CA LYS A 280 -23.60 10.60 8.97
C LYS A 280 -23.39 9.11 8.93
N TYR A 281 -23.16 8.52 7.73
CA TYR A 281 -23.01 7.08 7.56
C TYR A 281 -21.72 6.83 6.84
N TYR A 282 -21.65 7.21 5.55
CA TYR A 282 -20.62 6.83 4.64
C TYR A 282 -19.18 7.45 4.86
N ASP A 283 -18.18 6.61 4.78
CA ASP A 283 -16.80 7.05 4.62
C ASP A 283 -16.04 5.93 3.92
N SER A 284 -14.74 6.08 3.76
CA SER A 284 -13.98 5.08 3.01
C SER A 284 -13.91 3.72 3.65
N GLU A 285 -13.89 3.69 4.97
CA GLU A 285 -13.89 2.39 5.69
C GLU A 285 -15.20 1.65 5.53
N MET A 286 -16.33 2.43 5.60
CA MET A 286 -17.65 1.86 5.36
C MET A 286 -17.82 1.39 3.96
N HIS A 287 -17.28 2.17 3.03
CA HIS A 287 -17.32 1.77 1.60
C HIS A 287 -16.67 0.37 1.43
N LYS A 288 -15.42 0.26 1.86
CA LYS A 288 -14.69 -1.02 1.80
C LYS A 288 -15.46 -2.10 2.52
N ALA A 289 -15.91 -1.83 3.76
CA ALA A 289 -16.59 -2.83 4.58
C ALA A 289 -17.85 -3.31 3.93
N SER A 290 -18.50 -2.44 3.17
CA SER A 290 -19.84 -2.77 2.69
C SER A 290 -19.79 -3.93 1.66
N PHE A 291 -18.64 -4.13 1.04
CA PHE A 291 -18.50 -5.23 0.04
C PHE A 291 -18.07 -6.59 0.63
N ALA A 292 -17.83 -6.58 1.95
CA ALA A 292 -17.59 -7.85 2.69
C ALA A 292 -18.93 -8.49 3.04
N LEU A 293 -19.24 -9.59 2.36
CA LEU A 293 -20.52 -10.24 2.58
C LEU A 293 -20.41 -11.46 3.54
N PRO A 294 -21.44 -11.71 4.34
CA PRO A 294 -21.52 -12.95 5.12
C PRO A 294 -21.21 -14.18 4.22
N ARG A 295 -20.49 -15.16 4.74
CA ARG A 295 -20.23 -16.38 3.88
C ARG A 295 -21.41 -16.92 3.08
N PHE A 296 -22.60 -16.98 3.65
CA PHE A 296 -23.73 -17.60 2.96
C PHE A 296 -24.09 -16.78 1.65
N ALA A 297 -23.67 -15.50 1.60
CA ALA A 297 -24.01 -14.60 0.49
C ALA A 297 -22.80 -14.27 -0.37
N ARG A 298 -21.63 -14.74 0.04
CA ARG A 298 -20.44 -14.20 -0.59
C ARG A 298 -20.33 -14.52 -2.06
N HIS A 299 -21.07 -15.54 -2.54
CA HIS A 299 -21.01 -15.99 -3.95
C HIS A 299 -21.63 -14.92 -4.88
N ILE A 300 -22.46 -14.03 -4.32
CA ILE A 300 -22.85 -12.77 -5.05
C ILE A 300 -21.60 -12.03 -5.58
N ASN A 301 -20.55 -11.84 -4.78
CA ASN A 301 -19.35 -11.04 -5.18
C ASN A 301 -18.10 -11.78 -5.61
N ASN A 302 -17.89 -13.02 -5.14
CA ASN A 302 -16.54 -13.65 -5.16
C ASN A 302 -16.70 -15.04 -5.71
N GLU B 13 -49.10 -17.72 27.52
CA GLU B 13 -50.38 -18.33 27.12
C GLU B 13 -50.59 -18.14 25.59
N LEU B 14 -49.48 -18.23 24.84
CA LEU B 14 -49.49 -18.23 23.38
C LEU B 14 -50.27 -19.39 22.84
N ILE B 15 -50.93 -19.19 21.71
CA ILE B 15 -51.74 -20.22 21.11
C ILE B 15 -51.31 -20.39 19.63
N SER B 16 -51.36 -21.62 19.16
CA SER B 16 -51.05 -21.99 17.81
C SER B 16 -52.08 -21.35 16.85
N GLY B 17 -51.59 -20.79 15.75
CA GLY B 17 -52.36 -19.89 14.84
C GLY B 17 -52.46 -18.44 15.34
N GLY B 18 -52.12 -18.22 16.61
CA GLY B 18 -52.05 -16.83 17.15
C GLY B 18 -50.78 -16.15 16.62
N TRP B 19 -50.60 -14.85 16.95
CA TRP B 19 -49.32 -14.16 16.66
C TRP B 19 -48.50 -13.86 17.90
N PHE B 20 -47.18 -14.03 17.82
CA PHE B 20 -46.35 -13.53 18.95
C PHE B 20 -45.98 -12.08 18.62
N ARG B 21 -46.14 -11.18 19.58
CA ARG B 21 -45.81 -9.77 19.35
C ARG B 21 -44.74 -9.31 20.32
N GLU B 22 -43.74 -8.67 19.77
CA GLU B 22 -42.59 -8.12 20.52
C GLU B 22 -42.66 -6.57 20.51
N GLU B 23 -43.02 -6.00 21.66
CA GLU B 23 -42.86 -4.54 21.89
C GLU B 23 -42.05 -4.41 23.17
N ASN B 24 -41.53 -3.21 23.39
CA ASN B 24 -40.65 -2.98 24.54
C ASN B 24 -40.37 -1.50 24.74
N ASP B 25 -40.36 -1.10 26.02
CA ASP B 25 -40.16 0.29 26.42
C ASP B 25 -38.79 0.86 26.07
N GLN B 26 -37.77 -0.02 26.06
CA GLN B 26 -36.39 0.28 25.57
C GLN B 26 -36.33 0.58 24.04
N TRP B 27 -37.43 0.30 23.34
CA TRP B 27 -37.62 0.72 21.94
C TRP B 27 -39.07 1.18 21.62
N PRO B 28 -39.45 2.41 22.08
CA PRO B 28 -40.90 2.74 21.99
C PRO B 28 -41.42 2.89 20.57
N GLY B 29 -42.69 2.52 20.35
CA GLY B 29 -43.43 2.74 19.09
C GLY B 29 -43.07 1.90 17.85
N GLN B 30 -42.35 0.79 18.02
CA GLN B 30 -42.11 -0.17 16.91
C GLN B 30 -42.46 -1.55 17.47
N ALA B 31 -42.83 -2.51 16.61
CA ALA B 31 -43.15 -3.89 16.99
C ALA B 31 -42.85 -4.87 15.84
N MET B 32 -42.40 -6.07 16.20
CA MET B 32 -42.19 -7.21 15.27
C MET B 32 -43.09 -8.32 15.71
N SER B 33 -43.73 -8.95 14.72
CA SER B 33 -44.75 -9.93 14.96
C SER B 33 -44.49 -11.14 14.09
N LEU B 34 -44.56 -12.33 14.70
CA LEU B 34 -44.45 -13.62 13.99
C LEU B 34 -45.68 -14.46 14.29
N ARG B 35 -46.35 -14.94 13.25
CA ARG B 35 -47.44 -15.90 13.40
C ARG B 35 -46.88 -17.17 14.05
N VAL B 36 -47.63 -17.73 14.99
CA VAL B 36 -47.20 -18.95 15.70
C VAL B 36 -47.83 -20.18 14.99
N GLU B 37 -47.01 -21.06 14.42
CA GLU B 37 -47.55 -22.33 13.92
C GLU B 37 -47.72 -23.35 15.02
N LYS B 38 -46.79 -23.37 15.98
CA LYS B 38 -46.92 -24.35 17.08
C LYS B 38 -46.16 -23.94 18.33
N VAL B 39 -46.89 -23.76 19.43
CA VAL B 39 -46.32 -23.51 20.77
C VAL B 39 -45.57 -24.75 21.28
N LEU B 40 -44.33 -24.58 21.77
CA LEU B 40 -43.52 -25.70 22.26
C LEU B 40 -43.17 -25.59 23.71
N TYR B 41 -43.19 -24.36 24.22
CA TYR B 41 -42.94 -24.08 25.62
C TYR B 41 -43.37 -22.67 25.85
N ASP B 42 -44.07 -22.41 26.95
CA ASP B 42 -44.50 -21.07 27.26
C ASP B 42 -44.84 -20.99 28.75
N ALA B 43 -43.90 -20.57 29.59
CA ALA B 43 -44.09 -20.58 31.02
C ALA B 43 -43.02 -19.76 31.74
N PRO B 44 -43.34 -19.20 32.94
CA PRO B 44 -42.31 -18.66 33.85
C PRO B 44 -41.35 -19.72 34.29
N THR B 45 -40.14 -19.28 34.48
CA THR B 45 -39.01 -20.08 34.83
C THR B 45 -38.67 -19.46 36.21
N LYS B 46 -37.75 -20.04 36.96
CA LYS B 46 -37.30 -19.34 38.16
C LYS B 46 -36.87 -17.87 37.97
N PHE B 47 -36.35 -17.54 36.79
CA PHE B 47 -35.64 -16.31 36.58
C PHE B 47 -36.24 -15.40 35.47
N GLN B 48 -37.00 -15.97 34.55
CA GLN B 48 -37.55 -15.15 33.47
C GLN B 48 -38.68 -15.88 32.71
N HIS B 49 -39.39 -15.16 31.85
CA HIS B 49 -40.39 -15.83 30.99
C HIS B 49 -39.79 -16.52 29.71
N LEU B 50 -39.86 -17.86 29.64
CA LEU B 50 -39.35 -18.63 28.48
C LEU B 50 -40.46 -19.07 27.52
N THR B 51 -40.39 -18.56 26.28
CA THR B 51 -41.28 -18.98 25.20
C THR B 51 -40.54 -19.59 24.02
N ILE B 52 -40.94 -20.79 23.61
CA ILE B 52 -40.43 -21.41 22.37
C ILE B 52 -41.60 -21.80 21.44
N PHE B 53 -41.50 -21.45 20.17
CA PHE B 53 -42.51 -21.83 19.17
C PHE B 53 -41.91 -22.06 17.79
N GLU B 54 -42.61 -22.92 17.06
CA GLU B 54 -42.35 -23.07 15.69
C GLU B 54 -43.08 -21.89 14.94
N SER B 55 -42.36 -21.16 14.11
CA SER B 55 -42.96 -19.99 13.40
C SER B 55 -43.65 -20.47 12.10
N ASP B 56 -44.22 -19.57 11.32
CA ASP B 56 -44.96 -19.98 10.12
C ASP B 56 -44.03 -20.80 9.20
N PRO B 57 -44.39 -22.06 8.87
CA PRO B 57 -43.49 -22.79 7.96
C PRO B 57 -43.33 -22.20 6.53
N LYS B 58 -44.26 -21.37 6.04
CA LYS B 58 -44.01 -20.60 4.81
C LYS B 58 -42.93 -19.49 4.97
N GLY B 59 -42.56 -19.15 6.23
CA GLY B 59 -41.57 -18.13 6.51
C GLY B 59 -40.26 -18.86 6.79
N PRO B 60 -39.16 -18.12 6.85
CA PRO B 60 -37.84 -18.80 6.90
C PRO B 60 -37.33 -19.12 8.34
N TRP B 61 -38.01 -18.57 9.35
CA TRP B 61 -37.43 -18.46 10.72
C TRP B 61 -37.26 -19.76 11.47
N GLY B 62 -38.14 -20.75 11.21
CA GLY B 62 -38.13 -21.99 11.99
C GLY B 62 -38.51 -21.79 13.44
N THR B 63 -37.85 -22.53 14.33
CA THR B 63 -38.17 -22.42 15.73
C THR B 63 -37.61 -21.12 16.31
N VAL B 64 -38.37 -20.50 17.19
CA VAL B 64 -38.03 -19.18 17.80
C VAL B 64 -38.00 -19.33 19.30
N MET B 65 -37.02 -18.72 19.98
CA MET B 65 -37.00 -18.60 21.42
C MET B 65 -37.01 -17.13 21.85
N ALA B 66 -37.87 -16.82 22.81
CA ALA B 66 -37.92 -15.49 23.40
C ALA B 66 -37.72 -15.58 24.91
N LEU B 67 -37.07 -14.59 25.50
CA LEU B 67 -36.91 -14.53 26.95
C LEU B 67 -37.56 -13.22 27.45
N ASP B 68 -38.47 -13.31 28.41
CA ASP B 68 -39.29 -12.09 28.77
C ASP B 68 -39.77 -11.33 27.55
N GLY B 69 -40.32 -12.03 26.56
CA GLY B 69 -40.97 -11.34 25.42
C GLY B 69 -40.08 -10.86 24.30
N CYS B 70 -38.79 -11.18 24.39
CA CYS B 70 -37.80 -10.72 23.43
C CYS B 70 -37.11 -11.88 22.78
N ILE B 71 -37.07 -11.87 21.45
CA ILE B 71 -36.51 -12.97 20.68
C ILE B 71 -35.00 -13.04 20.87
N GLN B 72 -34.52 -14.22 21.21
CA GLN B 72 -33.12 -14.48 21.51
C GLN B 72 -32.42 -15.27 20.44
N VAL B 73 -33.14 -16.26 19.88
CA VAL B 73 -32.53 -17.19 18.95
C VAL B 73 -33.63 -17.61 17.97
N THR B 74 -33.30 -17.69 16.68
CA THR B 74 -34.14 -18.37 15.70
C THR B 74 -33.28 -19.30 14.95
N ASP B 75 -33.91 -20.33 14.39
CA ASP B 75 -33.14 -21.24 13.61
C ASP B 75 -32.45 -20.54 12.47
N TYR B 76 -33.15 -19.64 11.76
CA TYR B 76 -32.58 -19.09 10.51
C TYR B 76 -31.34 -18.16 10.68
N ASP B 77 -31.25 -17.39 11.77
CA ASP B 77 -30.13 -16.40 11.90
C ASP B 77 -29.26 -16.59 13.15
N GLU B 78 -29.45 -17.65 13.92
CA GLU B 78 -28.68 -17.82 15.17
C GLU B 78 -27.18 -17.87 14.93
N PHE B 79 -26.78 -18.33 13.74
CA PHE B 79 -25.36 -18.52 13.40
C PHE B 79 -24.60 -17.17 13.40
N VAL B 80 -25.27 -16.05 13.10
CA VAL B 80 -24.55 -14.76 13.05
C VAL B 80 -23.89 -14.42 14.37
N TYR B 81 -24.71 -14.18 15.36
CA TYR B 81 -24.23 -13.74 16.62
C TYR B 81 -23.32 -14.81 17.27
N HIS B 82 -23.65 -16.09 17.09
CA HIS B 82 -22.85 -17.13 17.75
C HIS B 82 -21.49 -17.23 17.12
N GLU B 83 -21.46 -17.09 15.78
CA GLU B 83 -20.20 -17.18 15.05
C GLU B 83 -19.38 -15.94 15.35
N VAL B 84 -20.05 -14.77 15.38
CA VAL B 84 -19.26 -13.55 15.61
C VAL B 84 -18.70 -13.53 17.06
N LEU B 85 -19.52 -13.84 18.05
CA LEU B 85 -18.94 -13.82 19.40
C LEU B 85 -17.85 -14.84 19.56
N GLY B 86 -18.06 -16.05 19.04
CA GLY B 86 -17.09 -17.14 19.23
C GLY B 86 -15.78 -16.90 18.46
N HIS B 87 -15.88 -16.56 17.17
CA HIS B 87 -14.66 -16.48 16.38
C HIS B 87 -13.89 -15.14 16.48
N THR B 88 -14.60 -13.99 16.56
CA THR B 88 -13.92 -12.72 16.66
C THR B 88 -13.01 -12.76 17.94
N SER B 89 -13.53 -13.34 19.02
CA SER B 89 -12.79 -13.35 20.27
C SER B 89 -11.61 -14.31 20.12
N LEU B 90 -11.90 -15.58 19.82
CA LEU B 90 -10.87 -16.65 19.80
C LEU B 90 -9.82 -16.40 18.70
N CYS B 91 -10.25 -15.80 17.56
CA CYS B 91 -9.29 -15.50 16.50
C CYS B 91 -8.48 -14.26 16.86
N SER B 92 -8.82 -13.57 17.97
CA SER B 92 -7.97 -12.46 18.46
C SER B 92 -6.96 -12.84 19.55
N HIS B 93 -6.98 -14.10 19.95
CA HIS B 93 -6.18 -14.57 21.08
C HIS B 93 -5.05 -15.50 20.49
N PRO B 94 -3.82 -15.42 21.02
CA PRO B 94 -2.79 -16.26 20.35
C PRO B 94 -2.92 -17.74 20.65
N LYS B 95 -3.52 -18.15 21.77
CA LYS B 95 -3.62 -19.59 22.05
C LYS B 95 -4.74 -19.87 23.05
N PRO B 96 -6.03 -19.92 22.57
CA PRO B 96 -7.01 -19.80 23.61
C PRO B 96 -7.33 -21.20 24.17
N GLU B 97 -6.78 -21.54 25.33
CA GLU B 97 -6.89 -22.92 25.84
C GLU B 97 -8.02 -23.11 26.79
N ARG B 98 -8.31 -22.08 27.61
CA ARG B 98 -9.39 -22.13 28.57
C ARG B 98 -10.36 -20.98 28.36
N VAL B 99 -11.63 -21.30 28.29
CA VAL B 99 -12.56 -20.28 27.83
C VAL B 99 -13.71 -20.31 28.83
N LEU B 100 -14.29 -19.14 29.18
CA LEU B 100 -15.49 -19.05 29.98
C LEU B 100 -16.60 -18.38 29.13
N ILE B 101 -17.77 -19.00 29.11
CA ILE B 101 -19.05 -18.34 28.62
C ILE B 101 -19.98 -18.04 29.78
N ILE B 102 -20.41 -16.78 29.91
CA ILE B 102 -21.37 -16.37 30.86
C ILE B 102 -22.65 -16.21 30.07
N GLY B 103 -23.68 -16.91 30.55
CA GLY B 103 -25.00 -16.99 29.87
C GLY B 103 -24.84 -18.02 28.79
N GLY B 104 -25.37 -17.80 27.58
CA GLY B 104 -25.08 -18.76 26.54
C GLY B 104 -25.74 -20.11 26.73
N GLY B 105 -26.81 -20.10 27.49
CA GLY B 105 -27.53 -21.32 27.84
C GLY B 105 -27.96 -22.20 26.67
N ASP B 106 -28.11 -21.64 25.47
CA ASP B 106 -28.69 -22.38 24.35
C ASP B 106 -27.63 -23.18 23.67
N GLY B 107 -26.36 -22.85 23.97
CA GLY B 107 -25.26 -23.61 23.50
C GLY B 107 -24.58 -23.10 22.22
N GLY B 108 -25.09 -21.99 21.63
CA GLY B 108 -24.59 -21.53 20.30
C GLY B 108 -23.12 -21.10 20.38
N VAL B 109 -22.83 -20.23 21.33
CA VAL B 109 -21.46 -19.73 21.36
C VAL B 109 -20.53 -20.88 21.65
N LEU B 110 -20.94 -21.78 22.54
CA LEU B 110 -20.12 -22.95 22.97
C LEU B 110 -19.80 -23.80 21.76
N ARG B 111 -20.82 -24.01 20.90
CA ARG B 111 -20.61 -24.76 19.64
C ARG B 111 -19.50 -24.13 18.81
N GLU B 112 -19.51 -22.81 18.67
CA GLU B 112 -18.47 -22.17 17.86
C GLU B 112 -17.13 -22.20 18.56
N VAL B 113 -17.10 -21.97 19.88
CA VAL B 113 -15.79 -22.00 20.58
C VAL B 113 -15.14 -23.40 20.43
N LEU B 114 -15.95 -24.45 20.56
CA LEU B 114 -15.44 -25.85 20.46
C LEU B 114 -14.99 -26.26 19.05
N ARG B 115 -15.31 -25.45 18.00
CA ARG B 115 -14.71 -25.64 16.69
C ARG B 115 -13.17 -25.54 16.78
N HIS B 116 -12.66 -24.81 17.75
CA HIS B 116 -11.26 -24.44 17.75
C HIS B 116 -10.50 -25.58 18.43
N GLY B 117 -9.44 -26.06 17.79
CA GLY B 117 -8.68 -27.21 18.32
C GLY B 117 -7.73 -26.77 19.40
N THR B 118 -7.46 -25.48 19.51
CA THR B 118 -6.62 -25.02 20.68
C THR B 118 -7.33 -25.10 22.05
N VAL B 119 -8.67 -25.12 22.00
CA VAL B 119 -9.51 -25.09 23.21
C VAL B 119 -9.44 -26.45 23.94
N GLU B 120 -9.02 -26.39 25.21
CA GLU B 120 -8.82 -27.60 26.01
C GLU B 120 -10.04 -27.79 26.81
N HIS B 121 -10.56 -26.66 27.27
CA HIS B 121 -11.70 -26.65 28.19
C HIS B 121 -12.49 -25.33 28.14
N CYS B 122 -13.80 -25.48 28.14
CA CYS B 122 -14.66 -24.32 28.20
C CYS B 122 -15.67 -24.47 29.29
N ASP B 123 -15.68 -23.53 30.25
CA ASP B 123 -16.74 -23.45 31.23
C ASP B 123 -17.91 -22.63 30.69
N LEU B 124 -19.12 -23.08 30.87
CA LEU B 124 -20.30 -22.27 30.60
C LEU B 124 -21.14 -22.16 31.84
N VAL B 125 -21.57 -20.95 32.19
CA VAL B 125 -22.43 -20.78 33.36
C VAL B 125 -23.64 -19.94 33.03
N ASP B 126 -24.80 -20.57 33.05
CA ASP B 126 -26.05 -19.85 32.79
C ASP B 126 -26.95 -19.96 34.02
N ILE B 127 -27.54 -18.85 34.39
CA ILE B 127 -28.34 -18.79 35.62
C ILE B 127 -29.64 -19.59 35.48
N ASP B 128 -30.10 -19.76 34.26
CA ASP B 128 -31.45 -20.45 34.07
C ASP B 128 -31.30 -21.85 33.49
N GLY B 129 -31.42 -22.84 34.36
CA GLY B 129 -31.28 -24.21 33.94
C GLY B 129 -32.38 -24.61 32.94
N GLU B 130 -33.55 -24.02 33.00
CA GLU B 130 -34.59 -24.40 32.02
C GLU B 130 -34.18 -23.96 30.56
N VAL B 131 -33.31 -22.94 30.46
CA VAL B 131 -32.90 -22.50 29.14
C VAL B 131 -32.11 -23.61 28.48
N MET B 132 -31.13 -24.19 29.20
CA MET B 132 -30.43 -25.37 28.70
C MET B 132 -31.38 -26.50 28.38
N GLU B 133 -32.32 -26.75 29.29
CA GLU B 133 -33.24 -27.92 29.09
C GLU B 133 -34.05 -27.74 27.82
N GLN B 134 -34.59 -26.55 27.63
CA GLN B 134 -35.45 -26.31 26.43
C GLN B 134 -34.65 -26.29 25.13
N SER B 135 -33.36 -25.93 25.22
CA SER B 135 -32.53 -25.88 24.02
C SER B 135 -32.14 -27.24 23.59
N LYS B 136 -31.82 -28.10 24.56
CA LYS B 136 -31.62 -29.55 24.28
C LYS B 136 -32.80 -30.12 23.54
N GLN B 137 -33.98 -29.83 24.04
CA GLN B 137 -35.22 -30.40 23.50
C GLN B 137 -35.61 -29.81 22.14
N HIS B 138 -35.47 -28.50 22.00
CA HIS B 138 -36.06 -27.86 20.81
C HIS B 138 -35.08 -27.18 19.87
N PHE B 139 -33.84 -27.01 20.30
CA PHE B 139 -32.82 -26.55 19.37
C PHE B 139 -31.61 -27.47 19.29
N PRO B 140 -31.79 -28.75 18.85
CA PRO B 140 -30.64 -29.72 18.91
C PRO B 140 -29.38 -29.23 18.17
N GLN B 141 -29.59 -28.50 17.08
CA GLN B 141 -28.46 -28.06 16.26
C GLN B 141 -27.62 -26.93 16.96
N ILE B 142 -28.21 -26.26 17.95
CA ILE B 142 -27.57 -25.16 18.71
C ILE B 142 -26.99 -25.77 19.99
N SER B 143 -27.72 -26.77 20.52
CA SER B 143 -27.49 -27.29 21.88
C SER B 143 -26.59 -28.51 21.99
N ARG B 144 -26.14 -29.06 20.87
CA ARG B 144 -25.39 -30.34 20.85
C ARG B 144 -24.11 -30.20 21.65
N SER B 145 -23.50 -29.03 21.50
CA SER B 145 -22.27 -28.67 22.17
C SER B 145 -22.29 -28.88 23.70
N LEU B 146 -23.47 -28.72 24.32
CA LEU B 146 -23.59 -28.69 25.79
C LEU B 146 -23.17 -30.03 26.42
N ALA B 147 -23.26 -31.12 25.65
CA ALA B 147 -22.89 -32.47 26.07
C ALA B 147 -21.43 -32.75 25.74
N ASP B 148 -20.70 -31.81 25.14
CA ASP B 148 -19.28 -32.08 24.86
C ASP B 148 -18.42 -32.25 26.15
N PRO B 149 -17.56 -33.31 26.21
CA PRO B 149 -16.76 -33.51 27.41
C PRO B 149 -15.68 -32.45 27.55
N ARG B 150 -15.42 -31.66 26.51
CA ARG B 150 -14.57 -30.49 26.60
C ARG B 150 -15.24 -29.28 27.30
N ALA B 151 -16.55 -29.38 27.50
CA ALA B 151 -17.33 -28.33 28.20
C ALA B 151 -17.67 -28.78 29.63
N THR B 152 -17.77 -27.83 30.52
CA THR B 152 -18.43 -28.02 31.81
C THR B 152 -19.55 -27.02 31.87
N VAL B 153 -20.78 -27.49 31.83
CA VAL B 153 -21.98 -26.63 31.85
C VAL B 153 -22.52 -26.55 33.27
N ARG B 154 -22.57 -25.36 33.88
CA ARG B 154 -23.10 -25.11 35.26
C ARG B 154 -24.29 -24.21 35.19
N VAL B 155 -25.28 -24.46 36.07
CA VAL B 155 -26.37 -23.53 36.34
C VAL B 155 -25.95 -22.64 37.52
N GLY B 156 -25.98 -21.31 37.37
CA GLY B 156 -25.49 -20.37 38.41
C GLY B 156 -25.45 -18.95 37.89
N ASP B 157 -25.38 -18.02 38.83
CA ASP B 157 -25.19 -16.65 38.53
C ASP B 157 -23.74 -16.41 38.08
N GLY B 158 -23.54 -15.73 36.94
CA GLY B 158 -22.22 -15.48 36.39
C GLY B 158 -21.47 -14.54 37.31
N LEU B 159 -22.23 -13.68 37.99
CA LEU B 159 -21.66 -12.68 38.91
C LEU B 159 -20.91 -13.33 40.07
N ALA B 160 -21.60 -14.29 40.68
CA ALA B 160 -21.02 -15.09 41.76
C ALA B 160 -19.90 -15.98 41.22
N PHE B 161 -20.13 -16.59 40.04
CA PHE B 161 -19.10 -17.44 39.44
C PHE B 161 -17.75 -16.77 39.26
N VAL B 162 -17.78 -15.56 38.67
CA VAL B 162 -16.54 -14.85 38.42
C VAL B 162 -15.89 -14.34 39.72
N ARG B 163 -16.70 -13.96 40.70
CA ARG B 163 -16.17 -13.50 41.98
C ARG B 163 -15.43 -14.61 42.70
N GLN B 164 -15.85 -15.84 42.46
CA GLN B 164 -15.24 -16.98 43.14
C GLN B 164 -14.22 -17.69 42.26
N THR B 165 -13.93 -17.14 41.09
CA THR B 165 -12.85 -17.64 40.20
C THR B 165 -11.51 -17.05 40.58
N PRO B 166 -10.45 -17.89 40.69
CA PRO B 166 -9.10 -17.30 40.91
C PRO B 166 -8.60 -16.39 39.80
N ASP B 167 -7.67 -15.49 40.17
CA ASP B 167 -7.01 -14.61 39.22
C ASP B 167 -6.44 -15.50 38.16
N ASN B 168 -6.32 -14.96 36.95
CA ASN B 168 -5.60 -15.62 35.85
C ASN B 168 -6.04 -17.03 35.51
N THR B 169 -7.35 -17.22 35.40
CA THR B 169 -7.86 -18.57 35.11
C THR B 169 -8.17 -18.76 33.61
N TYR B 170 -8.63 -17.69 32.94
CA TYR B 170 -9.12 -17.84 31.55
C TYR B 170 -8.37 -17.07 30.50
N ASP B 171 -8.30 -17.66 29.31
CA ASP B 171 -7.79 -16.97 28.12
C ASP B 171 -8.80 -16.06 27.47
N VAL B 172 -10.04 -16.50 27.38
CA VAL B 172 -11.12 -15.71 26.83
C VAL B 172 -12.39 -15.79 27.73
N VAL B 173 -13.01 -14.64 28.01
CA VAL B 173 -14.31 -14.65 28.64
C VAL B 173 -15.30 -14.04 27.61
N ILE B 174 -16.40 -14.75 27.34
CA ILE B 174 -17.46 -14.25 26.45
C ILE B 174 -18.73 -14.06 27.26
N ILE B 175 -19.31 -12.87 27.23
CA ILE B 175 -20.49 -12.57 28.06
C ILE B 175 -21.74 -12.49 27.12
N ASP B 176 -22.47 -13.64 27.03
CA ASP B 176 -23.60 -13.83 26.09
C ASP B 176 -24.86 -13.81 26.95
N THR B 177 -25.18 -12.64 27.48
CA THR B 177 -26.35 -12.42 28.32
C THR B 177 -27.53 -11.78 27.59
N THR B 178 -28.67 -11.66 28.30
CA THR B 178 -29.85 -10.87 27.87
C THR B 178 -29.61 -9.33 28.02
N ASP B 179 -30.71 -8.55 27.95
CA ASP B 179 -30.78 -7.09 28.22
C ASP B 179 -30.13 -6.65 29.57
N PRO B 180 -29.83 -5.34 29.72
CA PRO B 180 -29.53 -4.83 31.09
C PRO B 180 -30.75 -4.82 32.02
N ALA B 181 -31.97 -4.81 31.47
CA ALA B 181 -33.22 -4.74 32.26
C ALA B 181 -33.57 -6.00 33.06
N GLY B 182 -33.12 -7.18 32.62
CA GLY B 182 -33.48 -8.48 33.25
C GLY B 182 -32.48 -9.02 34.26
N PRO B 183 -32.42 -10.36 34.45
CA PRO B 183 -31.51 -10.96 35.46
C PRO B 183 -29.99 -10.74 35.17
N ALA B 184 -29.74 -10.07 34.02
CA ALA B 184 -28.42 -9.74 33.48
C ALA B 184 -27.99 -8.26 33.68
N SER B 185 -28.50 -7.60 34.73
CA SER B 185 -28.30 -6.15 34.97
C SER B 185 -26.91 -5.68 35.43
N LYS B 186 -26.28 -6.45 36.32
CA LYS B 186 -24.93 -6.15 36.83
C LYS B 186 -23.79 -6.61 35.89
N LEU B 187 -24.12 -7.48 34.93
CA LEU B 187 -23.17 -7.85 33.87
C LEU B 187 -23.08 -6.72 32.84
N PHE B 188 -23.44 -5.53 33.30
CA PHE B 188 -23.11 -4.29 32.63
C PHE B 188 -22.56 -3.31 33.71
N GLY B 189 -22.02 -3.89 34.80
CA GLY B 189 -21.58 -3.18 36.03
C GLY B 189 -20.16 -3.42 36.59
N GLU B 190 -19.83 -2.82 37.73
CA GLU B 190 -18.42 -2.49 38.06
C GLU B 190 -17.51 -3.46 38.82
N ALA B 191 -17.90 -3.95 39.99
CA ALA B 191 -17.14 -5.12 40.53
C ALA B 191 -17.09 -6.29 39.50
N PHE B 192 -18.15 -6.43 38.69
CA PHE B 192 -18.20 -7.53 37.69
C PHE B 192 -17.11 -7.47 36.66
N TYR B 193 -16.93 -6.31 36.00
CA TYR B 193 -15.99 -6.18 34.95
C TYR B 193 -14.49 -6.15 35.47
N LYS B 194 -14.34 -5.85 36.75
CA LYS B 194 -13.04 -5.83 37.35
C LYS B 194 -12.74 -7.26 37.65
N ASP B 195 -13.77 -8.01 38.03
CA ASP B 195 -13.60 -9.44 38.20
C ASP B 195 -13.22 -10.14 36.92
N VAL B 196 -13.86 -9.75 35.81
CA VAL B 196 -13.52 -10.34 34.51
C VAL B 196 -12.06 -10.05 34.11
N LEU B 197 -11.64 -8.79 34.27
CA LEU B 197 -10.27 -8.45 34.07
C LEU B 197 -9.35 -9.30 34.96
N ARG B 198 -9.66 -9.46 36.20
CA ARG B 198 -8.81 -10.22 37.12
C ARG B 198 -8.69 -11.73 36.77
N ILE B 199 -9.77 -12.34 36.23
CA ILE B 199 -9.76 -13.82 36.03
C ILE B 199 -9.19 -14.13 34.67
N LEU B 200 -9.02 -13.08 33.87
CA LEU B 200 -8.29 -13.21 32.63
C LEU B 200 -6.77 -13.36 32.87
N LYS B 201 -6.17 -14.28 32.12
CA LYS B 201 -4.69 -14.28 31.95
C LYS B 201 -4.17 -13.04 31.20
N PRO B 202 -2.84 -12.83 31.22
CA PRO B 202 -2.30 -11.59 30.68
C PRO B 202 -2.74 -11.21 29.25
N ASP B 203 -2.77 -12.19 28.34
CA ASP B 203 -3.14 -11.98 26.94
C ASP B 203 -4.63 -12.15 26.79
N GLY B 204 -5.38 -11.97 27.87
CA GLY B 204 -6.81 -12.33 27.94
C GLY B 204 -7.65 -11.42 27.00
N ILE B 205 -8.74 -11.97 26.45
CA ILE B 205 -9.67 -11.20 25.57
C ILE B 205 -11.06 -11.38 26.22
N CYS B 206 -11.89 -10.34 26.27
CA CYS B 206 -13.25 -10.45 26.76
C CYS B 206 -14.15 -10.02 25.61
N CYS B 207 -15.27 -10.69 25.35
CA CYS B 207 -16.22 -10.00 24.54
C CYS B 207 -17.58 -10.10 25.07
N ASN B 208 -18.36 -9.06 24.81
CA ASN B 208 -19.68 -9.00 25.46
C ASN B 208 -20.88 -8.91 24.51
N GLN B 209 -22.10 -9.02 25.04
CA GLN B 209 -23.33 -8.82 24.24
C GLN B 209 -23.40 -7.32 24.20
N GLY B 210 -23.41 -6.76 23.01
CA GLY B 210 -23.01 -5.35 22.90
C GLY B 210 -24.08 -4.34 22.58
N GLU B 211 -25.33 -4.74 22.34
CA GLU B 211 -26.31 -3.63 22.25
C GLU B 211 -26.22 -2.95 20.85
N SER B 212 -27.20 -2.13 20.56
CA SER B 212 -27.39 -1.61 19.19
C SER B 212 -26.88 -0.16 19.07
N ILE B 213 -26.20 0.15 17.96
CA ILE B 213 -25.87 1.56 17.66
C ILE B 213 -27.06 2.43 17.36
N TRP B 214 -28.20 1.86 16.97
CA TRP B 214 -29.42 2.63 16.80
C TRP B 214 -30.20 2.94 18.11
N LEU B 215 -30.17 2.05 19.10
CA LEU B 215 -31.02 2.23 20.25
C LEU B 215 -30.22 2.51 21.47
N ASP B 216 -28.94 2.15 21.47
CA ASP B 216 -28.13 2.04 22.71
C ASP B 216 -26.80 2.73 22.55
N LEU B 217 -26.73 3.75 21.70
CA LEU B 217 -25.42 4.31 21.37
C LEU B 217 -24.75 4.95 22.58
N GLU B 218 -25.54 5.67 23.40
CA GLU B 218 -24.99 6.22 24.66
C GLU B 218 -24.49 5.18 25.62
N LEU B 219 -25.23 4.07 25.78
CA LEU B 219 -24.75 2.94 26.65
C LEU B 219 -23.43 2.37 26.14
N ILE B 220 -23.33 2.19 24.81
CA ILE B 220 -22.13 1.64 24.23
C ILE B 220 -20.93 2.51 24.53
N GLU B 221 -21.07 3.85 24.34
CA GLU B 221 -19.98 4.81 24.63
C GLU B 221 -19.61 4.66 26.13
N LYS B 222 -20.61 4.70 27.00
CA LYS B 222 -20.36 4.60 28.44
C LYS B 222 -19.64 3.29 28.81
N MET B 223 -20.11 2.17 28.25
CA MET B 223 -19.50 0.84 28.59
C MET B 223 -18.09 0.72 28.15
N SER B 224 -17.83 1.16 26.93
CA SER B 224 -16.51 1.08 26.36
C SER B 224 -15.49 1.96 27.18
N ARG B 225 -15.90 3.18 27.58
CA ARG B 225 -15.01 4.06 28.35
C ARG B 225 -14.71 3.39 29.67
N PHE B 226 -15.76 2.86 30.30
CA PHE B 226 -15.59 2.25 31.62
C PHE B 226 -14.91 0.90 31.67
N ILE B 227 -15.11 0.07 30.65
CA ILE B 227 -14.22 -1.09 30.47
C ILE B 227 -12.72 -0.72 30.36
N ARG B 228 -12.39 0.32 29.57
CA ARG B 228 -11.00 0.77 29.46
C ARG B 228 -10.46 1.24 30.83
N GLU B 229 -11.29 1.97 31.54
CA GLU B 229 -10.84 2.55 32.79
C GLU B 229 -10.69 1.52 33.89
N THR B 230 -11.50 0.45 33.88
CA THR B 230 -11.38 -0.58 34.91
C THR B 230 -10.02 -1.23 34.74
N GLY B 231 -9.46 -1.13 33.54
CA GLY B 231 -8.07 -1.56 33.30
C GLY B 231 -7.81 -2.39 32.03
N PHE B 232 -8.82 -2.57 31.15
CA PHE B 232 -8.54 -3.15 29.81
C PHE B 232 -7.76 -2.20 28.98
N ALA B 233 -6.74 -2.71 28.29
CA ALA B 233 -5.89 -1.91 27.44
C ALA B 233 -6.62 -1.37 26.20
N SER B 234 -7.49 -2.18 25.58
CA SER B 234 -8.18 -1.66 24.36
C SER B 234 -9.60 -2.23 24.28
N VAL B 235 -10.51 -1.51 23.63
CA VAL B 235 -11.89 -2.01 23.52
C VAL B 235 -12.39 -1.50 22.15
N GLN B 236 -12.98 -2.39 21.35
CA GLN B 236 -13.39 -2.09 19.96
C GLN B 236 -14.75 -2.78 19.69
N TYR B 237 -15.68 -2.06 19.08
CA TYR B 237 -17.01 -2.59 18.94
C TYR B 237 -17.14 -3.17 17.54
N ALA B 238 -17.69 -4.41 17.43
CA ALA B 238 -17.85 -5.08 16.16
C ALA B 238 -19.34 -5.13 15.90
N LEU B 239 -19.72 -4.63 14.76
CA LEU B 239 -21.12 -4.64 14.38
C LEU B 239 -21.46 -5.89 13.53
N MET B 240 -22.67 -6.43 13.63
CA MET B 240 -23.11 -7.55 12.80
C MET B 240 -24.60 -7.42 12.44
N HIS B 241 -24.99 -8.11 11.40
CA HIS B 241 -26.37 -8.04 10.88
C HIS B 241 -27.20 -9.17 11.43
N VAL B 242 -28.19 -8.84 12.26
CA VAL B 242 -29.03 -9.87 12.80
C VAL B 242 -30.47 -9.49 12.53
N PRO B 243 -31.10 -10.13 11.56
CA PRO B 243 -32.44 -9.67 11.12
C PRO B 243 -33.58 -9.73 12.19
N THR B 244 -33.48 -10.57 13.21
CA THR B 244 -34.56 -10.67 14.23
C THR B 244 -34.40 -9.82 15.51
N TYR B 245 -33.30 -9.06 15.60
CA TYR B 245 -32.98 -8.20 16.73
C TYR B 245 -33.53 -6.81 16.42
N PRO B 246 -33.96 -6.01 17.42
CA PRO B 246 -34.56 -4.71 17.05
C PRO B 246 -33.64 -3.82 16.22
N CYS B 247 -34.19 -3.23 15.17
CA CYS B 247 -33.42 -2.45 14.22
C CYS B 247 -32.35 -3.23 13.38
N GLY B 248 -32.37 -4.57 13.37
CA GLY B 248 -31.54 -5.39 12.46
C GLY B 248 -30.06 -5.52 12.73
N SER B 249 -29.61 -5.10 13.92
CA SER B 249 -28.17 -5.22 14.20
C SER B 249 -27.82 -5.24 15.67
N ILE B 250 -26.63 -5.68 15.98
CA ILE B 250 -26.24 -5.76 17.42
C ILE B 250 -24.70 -5.71 17.33
N GLY B 251 -23.99 -5.52 18.43
CA GLY B 251 -22.55 -5.47 18.21
C GLY B 251 -22.00 -6.14 19.43
N THR B 252 -20.68 -6.26 19.48
CA THR B 252 -20.06 -6.86 20.67
C THR B 252 -18.84 -6.00 20.94
N LEU B 253 -18.58 -5.68 22.19
CA LEU B 253 -17.36 -5.02 22.52
C LEU B 253 -16.21 -6.06 22.70
N VAL B 254 -15.11 -5.93 22.00
CA VAL B 254 -14.02 -6.88 22.06
C VAL B 254 -12.90 -6.20 22.77
N CYS B 255 -12.45 -6.81 23.87
CA CYS B 255 -11.59 -6.10 24.80
C CYS B 255 -10.33 -6.88 25.00
N SER B 256 -9.21 -6.19 25.08
CA SER B 256 -7.93 -6.87 25.29
C SER B 256 -7.32 -6.45 26.63
N LYS B 257 -6.84 -7.41 27.43
CA LYS B 257 -6.28 -7.14 28.73
C LYS B 257 -4.96 -6.48 28.47
N LYS B 258 -4.20 -7.07 27.57
CA LYS B 258 -2.82 -6.70 27.20
C LYS B 258 -2.83 -5.47 26.29
N ALA B 259 -1.85 -4.60 26.47
CA ALA B 259 -1.71 -3.38 25.60
C ALA B 259 -1.06 -3.79 24.27
N GLY B 260 -1.26 -3.00 23.21
CA GLY B 260 -0.56 -3.23 21.96
C GLY B 260 -1.19 -4.29 21.05
N VAL B 261 -2.46 -4.63 21.30
CA VAL B 261 -3.11 -5.71 20.55
C VAL B 261 -4.16 -5.06 19.65
N ASP B 262 -4.22 -5.46 18.37
CA ASP B 262 -5.20 -4.85 17.46
C ASP B 262 -6.24 -5.92 17.09
N VAL B 263 -7.37 -5.89 17.78
CA VAL B 263 -8.35 -7.01 17.65
C VAL B 263 -9.02 -6.89 16.30
N THR B 264 -8.93 -5.72 15.64
CA THR B 264 -9.72 -5.50 14.40
C THR B 264 -9.15 -6.24 13.20
N LYS B 265 -7.95 -6.79 13.33
CA LYS B 265 -7.35 -7.64 12.29
C LYS B 265 -7.11 -8.99 12.96
N PRO B 266 -7.61 -10.10 12.37
CA PRO B 266 -7.50 -11.39 12.96
C PRO B 266 -6.02 -11.77 13.21
N LEU B 267 -5.69 -12.02 14.47
CA LEU B 267 -4.38 -12.57 14.90
C LEU B 267 -4.20 -14.00 14.39
N ARG B 268 -5.25 -14.84 14.46
CA ARG B 268 -5.19 -16.21 13.97
C ARG B 268 -6.32 -16.38 12.94
N PRO B 269 -6.03 -16.10 11.68
CA PRO B 269 -7.17 -16.16 10.71
C PRO B 269 -7.84 -17.54 10.61
N VAL B 270 -9.17 -17.54 10.62
CA VAL B 270 -9.94 -18.75 10.55
C VAL B 270 -9.64 -19.55 9.24
N GLU B 271 -9.31 -18.84 8.16
CA GLU B 271 -9.04 -19.49 6.87
C GLU B 271 -7.96 -20.60 7.00
N ASP B 272 -7.10 -20.47 8.01
CA ASP B 272 -6.05 -21.46 8.25
C ASP B 272 -6.50 -22.62 9.15
N MET B 273 -7.76 -22.67 9.55
CA MET B 273 -8.19 -23.67 10.50
C MET B 273 -9.07 -24.56 9.66
N PRO B 274 -9.31 -25.82 10.08
CA PRO B 274 -9.97 -26.75 9.16
C PRO B 274 -11.48 -26.57 9.06
N PHE B 275 -12.11 -25.87 10.02
CA PHE B 275 -13.54 -25.59 9.94
C PHE B 275 -14.01 -24.30 9.20
N ALA B 276 -13.12 -23.51 8.61
CA ALA B 276 -13.52 -22.21 8.09
C ALA B 276 -14.71 -22.30 7.15
N LYS B 277 -14.74 -23.35 6.35
CA LYS B 277 -15.83 -23.52 5.39
C LYS B 277 -17.15 -23.96 5.97
N ASP B 278 -17.18 -24.55 7.17
CA ASP B 278 -18.45 -24.78 7.84
C ASP B 278 -19.20 -23.52 8.31
N LEU B 279 -18.56 -22.35 8.36
CA LEU B 279 -19.22 -21.16 8.94
C LEU B 279 -20.13 -20.56 7.88
N LYS B 280 -21.20 -19.94 8.32
CA LYS B 280 -22.21 -19.39 7.46
C LYS B 280 -22.17 -17.85 7.46
N TYR B 281 -21.47 -17.24 8.40
CA TYR B 281 -21.37 -15.75 8.39
C TYR B 281 -19.89 -15.30 8.43
N TYR B 282 -19.21 -15.73 9.48
CA TYR B 282 -17.91 -15.21 9.76
C TYR B 282 -16.83 -15.69 8.82
N ASP B 283 -15.95 -14.76 8.43
CA ASP B 283 -14.60 -15.04 7.87
C ASP B 283 -13.69 -13.83 8.20
N SER B 284 -12.42 -13.81 7.74
CA SER B 284 -11.50 -12.67 8.07
C SER B 284 -11.92 -11.33 7.49
N GLU B 285 -12.49 -11.37 6.29
CA GLU B 285 -13.07 -10.14 5.67
C GLU B 285 -14.28 -9.63 6.48
N MET B 286 -15.17 -10.51 6.94
CA MET B 286 -16.28 -10.00 7.79
C MET B 286 -15.73 -9.54 9.14
N HIS B 287 -14.72 -10.23 9.68
CA HIS B 287 -14.15 -9.81 10.95
C HIS B 287 -13.65 -8.34 10.81
N LYS B 288 -12.79 -8.06 9.82
CA LYS B 288 -12.25 -6.68 9.66
C LYS B 288 -13.41 -5.71 9.38
N ALA B 289 -14.34 -6.10 8.51
CA ALA B 289 -15.46 -5.22 8.15
C ALA B 289 -16.31 -4.83 9.38
N SER B 290 -16.39 -5.70 10.39
CA SER B 290 -17.33 -5.52 11.45
C SER B 290 -16.88 -4.38 12.37
N PHE B 291 -15.61 -4.03 12.35
CA PHE B 291 -15.14 -2.89 13.16
C PHE B 291 -15.31 -1.52 12.45
N ALA B 292 -15.67 -1.50 11.16
CA ALA B 292 -15.98 -0.19 10.47
C ALA B 292 -17.37 0.20 10.83
N LEU B 293 -17.51 1.32 11.56
CA LEU B 293 -18.82 1.80 11.99
C LEU B 293 -19.31 2.99 11.14
N PRO B 294 -20.65 3.10 10.95
CA PRO B 294 -21.15 4.34 10.40
C PRO B 294 -20.61 5.55 11.07
N ARG B 295 -20.43 6.61 10.30
CA ARG B 295 -19.83 7.86 10.82
C ARG B 295 -20.41 8.33 12.13
N PHE B 296 -21.72 8.29 12.29
CA PHE B 296 -22.35 8.79 13.51
C PHE B 296 -21.92 7.95 14.75
N ALA B 297 -21.47 6.70 14.55
CA ALA B 297 -21.07 5.85 15.69
C ALA B 297 -19.56 5.71 15.76
N ARG B 298 -18.81 6.26 14.79
CA ARG B 298 -17.35 5.86 14.68
C ARG B 298 -16.48 6.23 15.88
N HIS B 299 -16.95 7.23 16.66
CA HIS B 299 -16.22 7.76 17.80
C HIS B 299 -16.10 6.65 18.83
N ILE B 300 -16.97 5.63 18.76
CA ILE B 300 -16.88 4.45 19.70
C ILE B 300 -15.48 3.82 19.58
N ASN B 301 -15.06 3.69 18.33
CA ASN B 301 -13.88 2.94 17.98
C ASN B 301 -12.65 3.77 17.69
N ASN B 302 -12.88 5.08 17.42
CA ASN B 302 -11.93 6.17 16.98
C ASN B 302 -11.63 6.29 15.47
N ILE C 15 38.15 -14.99 4.81
CA ILE C 15 37.44 -16.28 5.12
C ILE C 15 36.49 -16.19 6.35
N SER C 16 35.24 -16.63 6.14
CA SER C 16 34.28 -16.95 7.23
C SER C 16 32.93 -17.51 6.72
N GLY C 17 32.72 -18.82 6.88
CA GLY C 17 31.55 -19.48 6.32
C GLY C 17 31.49 -19.24 4.81
N GLY C 18 32.67 -19.01 4.21
CA GLY C 18 32.81 -18.77 2.77
C GLY C 18 32.39 -17.38 2.28
N TRP C 19 32.30 -16.38 3.16
CA TRP C 19 32.00 -14.99 2.71
C TRP C 19 33.07 -14.01 3.18
N PHE C 20 33.37 -13.02 2.34
CA PHE C 20 34.20 -11.89 2.79
C PHE C 20 33.26 -10.77 3.12
N ARG C 21 33.37 -10.28 4.36
CA ARG C 21 32.49 -9.21 4.85
C ARG C 21 33.18 -7.88 5.08
N GLU C 22 32.63 -6.82 4.51
CA GLU C 22 33.16 -5.48 4.74
C GLU C 22 32.11 -4.59 5.42
N GLU C 23 32.48 -3.89 6.49
CA GLU C 23 31.52 -3.03 7.19
C GLU C 23 31.96 -1.57 7.22
N PRO C 28 27.54 2.41 10.92
CA PRO C 28 27.29 1.13 11.54
C PRO C 28 25.95 0.54 11.08
N GLY C 29 25.83 -0.77 11.25
CA GLY C 29 24.60 -1.46 10.89
C GLY C 29 24.44 -1.82 9.40
N GLN C 30 25.52 -1.80 8.61
CA GLN C 30 25.43 -2.25 7.21
C GLN C 30 26.67 -2.99 6.77
N ALA C 31 26.52 -4.05 5.95
CA ALA C 31 27.67 -4.83 5.52
C ALA C 31 27.50 -5.23 4.07
N MET C 32 28.60 -5.30 3.35
CA MET C 32 28.53 -5.71 1.94
C MET C 32 29.43 -6.93 1.82
N SER C 33 28.97 -8.00 1.17
CA SER C 33 29.78 -9.23 1.15
C SER C 33 29.91 -9.89 -0.19
N LEU C 34 31.04 -10.54 -0.32
CA LEU C 34 31.31 -11.34 -1.48
C LEU C 34 31.60 -12.78 -1.04
N ARG C 35 31.04 -13.72 -1.77
CA ARG C 35 31.31 -15.12 -1.45
C ARG C 35 32.77 -15.45 -1.83
N VAL C 36 33.48 -16.16 -0.93
CA VAL C 36 34.85 -16.60 -1.13
C VAL C 36 34.84 -18.02 -1.76
N GLU C 37 35.53 -18.26 -2.88
CA GLU C 37 35.65 -19.63 -3.38
C GLU C 37 36.96 -20.25 -2.87
N LYS C 38 38.02 -19.44 -2.78
CA LYS C 38 39.29 -19.93 -2.27
C LYS C 38 40.18 -18.79 -1.79
N VAL C 39 40.89 -19.00 -0.68
CA VAL C 39 41.77 -17.98 -0.12
C VAL C 39 43.15 -18.13 -0.77
N LEU C 40 43.76 -17.02 -1.20
CA LEU C 40 45.05 -17.07 -1.92
C LEU C 40 46.17 -16.49 -1.12
N TYR C 41 45.79 -15.58 -0.23
CA TYR C 41 46.69 -14.88 0.63
C TYR C 41 45.88 -14.17 1.70
N ASP C 42 46.28 -14.28 2.95
CA ASP C 42 45.56 -13.58 4.03
C ASP C 42 46.45 -13.37 5.24
N ALA C 43 47.07 -12.20 5.31
CA ALA C 43 48.23 -12.01 6.19
C ALA C 43 48.58 -10.56 6.36
N PRO C 44 49.17 -10.23 7.51
CA PRO C 44 49.60 -8.87 7.60
C PRO C 44 50.92 -8.69 6.90
N THR C 45 51.17 -7.43 6.58
CA THR C 45 52.32 -7.01 5.87
C THR C 45 52.96 -6.15 6.94
N LYS C 46 54.16 -5.65 6.72
CA LYS C 46 54.77 -4.70 7.60
C LYS C 46 53.85 -3.49 7.74
N PHE C 47 52.94 -3.30 6.79
CA PHE C 47 52.15 -2.04 6.74
C PHE C 47 50.62 -2.18 6.87
N GLN C 48 50.04 -3.25 6.37
CA GLN C 48 48.59 -3.28 6.42
C GLN C 48 48.20 -4.72 6.24
N HIS C 49 46.92 -5.03 6.38
CA HIS C 49 46.49 -6.38 6.14
C HIS C 49 46.17 -6.55 4.66
N LEU C 50 46.76 -7.57 4.06
CA LEU C 50 46.55 -7.94 2.67
C LEU C 50 45.72 -9.24 2.63
N THR C 51 44.60 -9.22 1.92
CA THR C 51 43.77 -10.38 1.72
C THR C 51 43.53 -10.56 0.23
N ILE C 52 43.67 -11.77 -0.29
CA ILE C 52 43.40 -11.99 -1.70
C ILE C 52 42.64 -13.30 -1.84
N PHE C 53 41.57 -13.28 -2.62
CA PHE C 53 40.79 -14.51 -2.76
C PHE C 53 40.18 -14.62 -4.13
N GLU C 54 39.89 -15.86 -4.49
CA GLU C 54 39.11 -16.13 -5.66
C GLU C 54 37.65 -16.13 -5.26
N SER C 55 36.82 -15.37 -5.97
CA SER C 55 35.46 -15.25 -5.49
C SER C 55 34.61 -16.30 -6.19
N ASP C 56 33.33 -16.29 -5.90
CA ASP C 56 32.38 -17.26 -6.46
C ASP C 56 32.41 -17.33 -7.98
N PRO C 57 32.78 -18.49 -8.53
CA PRO C 57 32.87 -18.64 -9.98
C PRO C 57 31.56 -18.40 -10.70
N LYS C 58 30.40 -18.54 -10.03
CA LYS C 58 29.07 -18.18 -10.60
C LYS C 58 28.85 -16.66 -10.66
N GLY C 59 29.67 -15.89 -9.95
CA GLY C 59 29.58 -14.42 -10.08
C GLY C 59 30.70 -13.85 -10.94
N PRO C 60 30.64 -12.54 -11.27
CA PRO C 60 31.56 -11.95 -12.24
C PRO C 60 32.90 -11.46 -11.69
N TRP C 61 33.11 -11.45 -10.38
CA TRP C 61 34.19 -10.62 -9.79
C TRP C 61 35.64 -11.12 -10.03
N GLY C 62 35.81 -12.43 -10.12
CA GLY C 62 37.15 -13.03 -10.22
C GLY C 62 37.95 -12.93 -8.93
N THR C 63 39.27 -12.76 -9.06
CA THR C 63 40.19 -12.50 -7.96
C THR C 63 39.94 -11.14 -7.38
N VAL C 64 39.99 -11.09 -6.06
CA VAL C 64 39.71 -9.92 -5.27
C VAL C 64 40.83 -9.68 -4.35
N MET C 65 41.22 -8.41 -4.23
CA MET C 65 42.18 -8.01 -3.18
C MET C 65 41.59 -6.98 -2.27
N ALA C 66 41.83 -7.14 -0.97
CA ALA C 66 41.43 -6.19 0.03
C ALA C 66 42.57 -5.80 0.87
N LEU C 67 42.55 -4.53 1.28
CA LEU C 67 43.59 -4.00 2.14
C LEU C 67 42.95 -3.44 3.39
N ASP C 68 43.46 -3.87 4.56
CA ASP C 68 42.86 -3.50 5.85
C ASP C 68 41.36 -3.68 5.90
N GLY C 69 40.89 -4.75 5.27
CA GLY C 69 39.46 -5.05 5.28
C GLY C 69 38.62 -4.38 4.23
N CYS C 70 39.25 -3.63 3.35
CA CYS C 70 38.50 -2.91 2.34
C CYS C 70 38.91 -3.37 0.92
N ILE C 71 37.94 -3.78 0.12
CA ILE C 71 38.23 -4.24 -1.25
C ILE C 71 38.86 -3.12 -2.11
N GLN C 72 39.99 -3.42 -2.74
CA GLN C 72 40.72 -2.41 -3.52
C GLN C 72 40.66 -2.70 -5.03
N VAL C 73 40.57 -3.96 -5.42
CA VAL C 73 40.78 -4.41 -6.76
C VAL C 73 40.08 -5.73 -6.90
N THR C 74 39.23 -5.83 -7.94
CA THR C 74 38.64 -7.08 -8.36
C THR C 74 38.92 -7.18 -9.84
N ASP C 75 39.01 -8.38 -10.37
CA ASP C 75 39.22 -8.51 -11.85
C ASP C 75 38.18 -7.77 -12.64
N TYR C 76 36.93 -7.79 -12.17
CA TYR C 76 35.79 -7.46 -13.03
C TYR C 76 35.74 -5.97 -13.26
N ASP C 77 36.12 -5.20 -12.24
CA ASP C 77 35.93 -3.76 -12.32
C ASP C 77 37.15 -2.89 -12.04
N GLU C 78 38.34 -3.46 -11.91
CA GLU C 78 39.50 -2.62 -11.60
C GLU C 78 39.70 -1.57 -12.72
N PHE C 79 39.27 -1.89 -13.93
CA PHE C 79 39.48 -0.96 -14.99
C PHE C 79 38.85 0.40 -14.72
N VAL C 80 37.76 0.48 -13.98
CA VAL C 80 37.09 1.80 -13.84
C VAL C 80 38.00 2.84 -13.17
N TYR C 81 38.43 2.53 -11.96
CA TYR C 81 39.22 3.49 -11.15
C TYR C 81 40.57 3.70 -11.84
N HIS C 82 41.18 2.64 -12.35
CA HIS C 82 42.53 2.81 -13.03
C HIS C 82 42.43 3.73 -14.25
N GLU C 83 41.43 3.56 -15.08
CA GLU C 83 41.26 4.45 -16.24
C GLU C 83 40.91 5.86 -15.85
N VAL C 84 40.02 6.04 -14.86
CA VAL C 84 39.56 7.38 -14.58
C VAL C 84 40.75 8.17 -14.02
N LEU C 85 41.47 7.56 -13.07
CA LEU C 85 42.62 8.25 -12.52
C LEU C 85 43.69 8.50 -13.55
N GLY C 86 44.03 7.49 -14.31
CA GLY C 86 45.10 7.69 -15.31
C GLY C 86 44.76 8.64 -16.45
N HIS C 87 43.55 8.57 -17.00
CA HIS C 87 43.29 9.32 -18.22
C HIS C 87 42.68 10.66 -17.96
N THR C 88 41.81 10.79 -16.91
CA THR C 88 41.25 12.08 -16.50
C THR C 88 42.39 13.01 -16.16
N SER C 89 43.42 12.47 -15.54
CA SER C 89 44.61 13.31 -15.28
C SER C 89 45.46 13.60 -16.53
N LEU C 90 45.89 12.58 -17.25
CA LEU C 90 46.82 12.80 -18.40
C LEU C 90 46.15 13.55 -19.56
N CYS C 91 44.82 13.42 -19.72
CA CYS C 91 44.11 14.08 -20.81
C CYS C 91 43.77 15.54 -20.41
N SER C 92 44.07 15.89 -19.14
CA SER C 92 43.92 17.27 -18.70
C SER C 92 45.24 18.08 -18.77
N HIS C 93 46.29 17.42 -19.22
CA HIS C 93 47.66 18.02 -19.35
C HIS C 93 48.05 18.22 -20.87
N PRO C 94 48.71 19.36 -21.23
CA PRO C 94 48.95 19.53 -22.69
C PRO C 94 50.06 18.60 -23.22
N LYS C 95 50.91 18.09 -22.35
CA LYS C 95 51.96 17.21 -22.81
C LYS C 95 52.62 16.47 -21.68
N PRO C 96 51.98 15.36 -21.23
CA PRO C 96 52.48 14.80 -19.99
C PRO C 96 53.66 13.85 -20.25
N GLU C 97 54.86 14.26 -19.85
CA GLU C 97 56.07 13.51 -20.15
C GLU C 97 56.64 12.76 -18.96
N ARG C 98 56.51 13.34 -17.78
CA ARG C 98 57.08 12.73 -16.59
C ARG C 98 55.98 12.65 -15.56
N VAL C 99 55.71 11.42 -15.04
CA VAL C 99 54.60 11.18 -14.16
C VAL C 99 55.08 10.51 -12.88
N LEU C 100 54.47 10.89 -11.77
CA LEU C 100 54.75 10.28 -10.48
C LEU C 100 53.44 9.62 -9.99
N ILE C 101 53.53 8.34 -9.61
CA ILE C 101 52.43 7.67 -8.93
C ILE C 101 52.88 7.36 -7.51
N ILE C 102 52.08 7.85 -6.54
CA ILE C 102 52.34 7.52 -5.12
C ILE C 102 51.32 6.47 -4.81
N GLY C 103 51.81 5.32 -4.32
CA GLY C 103 50.93 4.18 -4.01
C GLY C 103 50.87 3.37 -5.30
N GLY C 104 49.72 2.79 -5.63
CA GLY C 104 49.63 2.14 -6.98
C GLY C 104 50.43 0.87 -7.20
N GLY C 105 50.78 0.20 -6.09
CA GLY C 105 51.66 -0.99 -6.02
C GLY C 105 51.10 -2.12 -6.86
N ASP C 106 49.80 -2.07 -7.14
CA ASP C 106 49.18 -3.13 -7.96
C ASP C 106 49.42 -2.99 -9.44
N GLY C 107 49.79 -1.77 -9.88
CA GLY C 107 50.13 -1.53 -11.28
C GLY C 107 49.07 -1.00 -12.18
N GLY C 108 47.85 -0.87 -11.70
CA GLY C 108 46.72 -0.62 -12.66
C GLY C 108 46.80 0.82 -13.17
N VAL C 109 47.00 1.77 -12.28
CA VAL C 109 47.21 3.16 -12.74
C VAL C 109 48.39 3.28 -13.68
N LEU C 110 49.51 2.70 -13.27
CA LEU C 110 50.69 2.68 -14.18
C LEU C 110 50.38 2.16 -15.61
N ARG C 111 49.74 0.98 -15.71
CA ARG C 111 49.28 0.41 -16.98
C ARG C 111 48.58 1.46 -17.84
N GLU C 112 47.74 2.26 -17.21
CA GLU C 112 46.92 3.20 -17.98
C GLU C 112 47.77 4.42 -18.39
N VAL C 113 48.56 4.95 -17.45
CA VAL C 113 49.55 6.05 -17.72
C VAL C 113 50.49 5.63 -18.93
N LEU C 114 50.87 4.36 -18.97
CA LEU C 114 51.87 3.95 -20.00
C LEU C 114 51.26 3.74 -21.36
N ARG C 115 49.93 3.75 -21.43
CA ARG C 115 49.34 3.79 -22.74
C ARG C 115 49.60 5.08 -23.48
N HIS C 116 49.83 6.13 -22.74
CA HIS C 116 50.02 7.45 -23.44
C HIS C 116 51.43 7.57 -24.05
N GLY C 117 51.52 7.94 -25.32
CA GLY C 117 52.82 7.94 -26.03
C GLY C 117 53.63 9.18 -25.59
N THR C 118 52.99 10.16 -24.97
CA THR C 118 53.73 11.36 -24.56
C THR C 118 54.63 11.05 -23.33
N VAL C 119 54.31 10.00 -22.58
CA VAL C 119 55.04 9.64 -21.35
C VAL C 119 56.41 9.08 -21.66
N GLU C 120 57.43 9.77 -21.13
CA GLU C 120 58.82 9.32 -21.30
C GLU C 120 59.23 8.48 -20.11
N HIS C 121 58.69 8.81 -18.94
CA HIS C 121 59.15 8.13 -17.71
C HIS C 121 58.09 8.28 -16.62
N CYS C 122 57.94 7.20 -15.83
CA CYS C 122 57.02 7.22 -14.72
C CYS C 122 57.76 6.62 -13.55
N ASP C 123 57.84 7.40 -12.49
CA ASP C 123 58.19 6.85 -11.17
C ASP C 123 56.99 6.40 -10.37
N LEU C 124 57.11 5.21 -9.77
CA LEU C 124 56.09 4.72 -8.94
C LEU C 124 56.72 4.40 -7.58
N VAL C 125 56.05 4.88 -6.52
CA VAL C 125 56.56 4.77 -5.18
C VAL C 125 55.47 4.25 -4.32
N ASP C 126 55.61 2.95 -3.96
CA ASP C 126 54.67 2.30 -3.04
C ASP C 126 55.41 1.81 -1.80
N ILE C 127 54.84 2.14 -0.63
CA ILE C 127 55.49 1.80 0.63
C ILE C 127 55.46 0.32 0.95
N ASP C 128 54.57 -0.43 0.31
CA ASP C 128 54.38 -1.85 0.62
C ASP C 128 54.82 -2.82 -0.50
N GLY C 129 56.05 -3.34 -0.37
CA GLY C 129 56.65 -4.22 -1.37
C GLY C 129 55.87 -5.48 -1.54
N GLU C 130 55.17 -5.87 -0.50
CA GLU C 130 54.42 -7.13 -0.56
C GLU C 130 53.14 -7.00 -1.42
N VAL C 131 52.58 -5.79 -1.50
CA VAL C 131 51.45 -5.52 -2.42
C VAL C 131 51.92 -5.72 -3.86
N MET C 132 53.11 -5.21 -4.17
CA MET C 132 53.68 -5.42 -5.51
C MET C 132 53.78 -6.90 -5.83
N GLU C 133 54.36 -7.66 -4.88
CA GLU C 133 54.64 -9.07 -5.09
C GLU C 133 53.39 -9.86 -5.37
N GLN C 134 52.39 -9.61 -4.53
CA GLN C 134 51.15 -10.36 -4.59
C GLN C 134 50.32 -9.95 -5.80
N SER C 135 50.40 -8.68 -6.21
CA SER C 135 49.76 -8.29 -7.47
C SER C 135 50.44 -8.97 -8.68
N LYS C 136 51.77 -9.08 -8.68
CA LYS C 136 52.44 -9.80 -9.79
C LYS C 136 52.02 -11.29 -9.83
N GLN C 137 51.91 -11.92 -8.65
CA GLN C 137 51.49 -13.32 -8.48
C GLN C 137 50.02 -13.51 -8.79
N HIS C 138 49.11 -12.61 -8.38
CA HIS C 138 47.69 -12.95 -8.57
C HIS C 138 46.92 -12.05 -9.49
N PHE C 139 47.53 -10.92 -9.87
CA PHE C 139 46.89 -10.00 -10.87
C PHE C 139 47.79 -9.63 -12.04
N PRO C 140 48.31 -10.65 -12.77
CA PRO C 140 49.24 -10.39 -13.87
C PRO C 140 48.77 -9.35 -14.90
N GLN C 141 47.48 -9.32 -15.24
CA GLN C 141 47.00 -8.35 -16.24
C GLN C 141 46.99 -6.88 -15.69
N ILE C 142 47.13 -6.75 -14.38
CA ILE C 142 47.20 -5.43 -13.77
C ILE C 142 48.68 -5.05 -13.51
N SER C 143 49.48 -6.00 -13.04
CA SER C 143 50.82 -5.73 -12.52
C SER C 143 51.90 -5.87 -13.59
N ARG C 144 51.49 -6.20 -14.82
CA ARG C 144 52.45 -6.44 -15.93
C ARG C 144 53.24 -5.16 -16.17
N SER C 145 52.55 -4.04 -15.95
CA SER C 145 53.09 -2.72 -16.16
C SER C 145 54.30 -2.36 -15.28
N LEU C 146 54.45 -3.06 -14.17
CA LEU C 146 55.52 -2.77 -13.19
C LEU C 146 56.89 -3.09 -13.79
N ALA C 147 56.97 -3.98 -14.76
CA ALA C 147 58.28 -4.31 -15.43
C ALA C 147 58.60 -3.43 -16.66
N ASP C 148 57.73 -2.47 -17.00
CA ASP C 148 57.95 -1.64 -18.22
C ASP C 148 59.24 -0.81 -18.09
N PRO C 149 60.11 -0.83 -19.12
CA PRO C 149 61.35 0.00 -19.09
C PRO C 149 61.08 1.52 -18.89
N ARG C 150 59.89 1.98 -19.25
CA ARG C 150 59.58 3.41 -19.01
C ARG C 150 59.24 3.76 -17.56
N ALA C 151 59.15 2.75 -16.70
CA ALA C 151 58.82 2.92 -15.28
C ALA C 151 59.99 2.62 -14.38
N THR C 152 60.12 3.33 -13.26
CA THR C 152 61.04 2.96 -12.19
C THR C 152 60.16 2.77 -11.01
N VAL C 153 60.20 1.57 -10.42
CA VAL C 153 59.33 1.27 -9.28
C VAL C 153 60.18 1.28 -8.04
N ARG C 154 59.78 2.06 -7.04
CA ARG C 154 60.50 2.07 -5.74
C ARG C 154 59.58 1.58 -4.66
N VAL C 155 60.17 0.94 -3.63
CA VAL C 155 59.45 0.53 -2.44
C VAL C 155 59.89 1.56 -1.42
N GLY C 156 59.00 2.50 -1.12
CA GLY C 156 59.31 3.64 -0.29
C GLY C 156 58.09 4.41 0.19
N ASP C 157 58.33 5.26 1.18
CA ASP C 157 57.30 6.18 1.65
C ASP C 157 57.18 7.32 0.59
N GLY C 158 55.98 7.59 0.07
CA GLY C 158 55.81 8.70 -0.85
C GLY C 158 56.00 10.06 -0.19
N LEU C 159 55.82 10.17 1.11
CA LEU C 159 56.04 11.43 1.83
C LEU C 159 57.47 11.87 1.82
N ALA C 160 58.37 10.95 2.18
CA ALA C 160 59.80 11.19 2.13
C ALA C 160 60.24 11.33 0.71
N PHE C 161 59.64 10.57 -0.22
CA PHE C 161 60.01 10.70 -1.61
C PHE C 161 59.81 12.10 -2.17
N VAL C 162 58.63 12.70 -1.98
CA VAL C 162 58.37 13.97 -2.64
C VAL C 162 59.14 15.12 -1.90
N ARG C 163 59.37 14.92 -0.64
CA ARG C 163 60.19 15.84 0.16
C ARG C 163 61.61 15.98 -0.39
N GLN C 164 62.22 14.88 -0.86
CA GLN C 164 63.53 14.93 -1.50
C GLN C 164 63.55 14.99 -3.04
N THR C 165 62.46 15.49 -3.64
CA THR C 165 62.34 15.63 -5.09
C THR C 165 62.46 17.11 -5.38
N PRO C 166 63.20 17.50 -6.45
CA PRO C 166 63.41 18.92 -6.72
C PRO C 166 62.13 19.57 -7.26
N ASP C 167 62.06 20.90 -7.23
CA ASP C 167 60.90 21.60 -7.72
C ASP C 167 60.78 21.25 -9.15
N ASN C 168 59.58 21.40 -9.70
CA ASN C 168 59.39 21.37 -11.13
C ASN C 168 59.95 20.06 -11.76
N THR C 169 59.61 18.92 -11.17
CA THR C 169 60.05 17.63 -11.69
C THR C 169 59.04 16.91 -12.54
N TYR C 170 57.74 17.02 -12.20
CA TYR C 170 56.74 16.16 -12.86
C TYR C 170 55.67 16.96 -13.54
N ASP C 171 55.06 16.38 -14.55
CA ASP C 171 53.89 16.97 -15.21
C ASP C 171 52.61 16.57 -14.50
N VAL C 172 52.58 15.36 -13.97
CA VAL C 172 51.40 14.80 -13.35
C VAL C 172 51.82 13.99 -12.15
N VAL C 173 51.16 14.25 -11.01
CA VAL C 173 51.26 13.41 -9.80
C VAL C 173 49.89 12.75 -9.54
N ILE C 174 49.84 11.41 -9.52
CA ILE C 174 48.65 10.66 -9.17
C ILE C 174 48.87 10.04 -7.78
N ILE C 175 48.00 10.40 -6.80
CA ILE C 175 48.08 9.83 -5.44
C ILE C 175 47.03 8.69 -5.34
N ASP C 176 47.46 7.45 -5.66
CA ASP C 176 46.64 6.20 -5.64
C ASP C 176 46.93 5.40 -4.36
N THR C 177 46.34 5.91 -3.29
CA THR C 177 46.63 5.57 -1.92
C THR C 177 45.42 4.83 -1.29
N THR C 178 45.57 4.29 -0.07
CA THR C 178 44.49 3.58 0.67
C THR C 178 43.43 4.46 1.31
N GLU C 190 49.73 18.77 5.24
CA GLU C 190 50.17 20.11 4.87
C GLU C 190 51.51 20.11 4.12
N ALA C 191 52.62 19.71 4.79
CA ALA C 191 53.93 19.59 4.09
C ALA C 191 53.83 18.74 2.77
N PHE C 192 53.14 17.59 2.86
CA PHE C 192 52.94 16.66 1.72
C PHE C 192 52.32 17.34 0.49
N TYR C 193 51.12 17.92 0.65
CA TYR C 193 50.49 18.61 -0.45
C TYR C 193 51.28 19.87 -0.93
N LYS C 194 52.03 20.52 -0.05
CA LYS C 194 52.86 21.62 -0.51
C LYS C 194 54.00 21.08 -1.37
N ASP C 195 54.63 19.99 -0.93
CA ASP C 195 55.61 19.26 -1.76
C ASP C 195 55.01 18.85 -3.11
N VAL C 196 53.80 18.33 -3.12
CA VAL C 196 53.26 17.89 -4.41
C VAL C 196 53.16 19.14 -5.33
N LEU C 197 52.66 20.24 -4.76
CA LEU C 197 52.48 21.47 -5.53
C LEU C 197 53.83 21.89 -6.13
N ARG C 198 54.84 21.85 -5.27
CA ARG C 198 56.26 22.27 -5.45
C ARG C 198 56.87 21.42 -6.55
N ILE C 199 56.72 20.10 -6.43
CA ILE C 199 57.37 19.20 -7.39
C ILE C 199 56.70 19.18 -8.77
N LEU C 200 55.51 19.74 -8.87
CA LEU C 200 54.87 19.85 -10.17
C LEU C 200 55.44 21.01 -10.97
N LYS C 201 55.54 20.83 -12.30
CA LYS C 201 55.86 21.93 -13.20
C LYS C 201 54.66 22.86 -13.34
N PRO C 202 54.83 24.03 -14.02
CA PRO C 202 53.81 25.07 -14.03
C PRO C 202 52.46 24.63 -14.53
N ASP C 203 52.43 23.83 -15.57
CA ASP C 203 51.14 23.31 -16.08
C ASP C 203 50.72 22.02 -15.40
N GLY C 204 51.36 21.63 -14.32
CA GLY C 204 51.11 20.33 -13.64
C GLY C 204 49.67 20.01 -13.19
N ILE C 205 49.33 18.72 -13.19
CA ILE C 205 48.02 18.22 -12.77
C ILE C 205 48.28 17.20 -11.60
N CYS C 206 47.51 17.28 -10.50
CA CYS C 206 47.54 16.31 -9.40
C CYS C 206 46.17 15.63 -9.38
N CYS C 207 46.11 14.28 -9.44
CA CYS C 207 44.88 13.69 -8.96
C CYS C 207 45.05 12.70 -7.85
N ASN C 208 44.08 12.70 -6.97
CA ASN C 208 44.18 11.84 -5.80
C ASN C 208 42.95 10.89 -5.71
N GLN C 209 43.09 9.81 -4.94
CA GLN C 209 41.95 8.95 -4.56
C GLN C 209 40.96 9.82 -3.77
N GLY C 210 39.76 9.98 -4.27
CA GLY C 210 38.88 11.02 -3.73
C GLY C 210 37.77 10.71 -2.74
N GLU C 211 37.45 9.45 -2.48
CA GLU C 211 36.43 9.17 -1.46
C GLU C 211 35.02 9.28 -2.09
N SER C 212 34.06 8.82 -1.31
CA SER C 212 32.62 8.75 -1.67
C SER C 212 31.74 9.98 -1.29
N ILE C 213 30.91 10.47 -2.21
CA ILE C 213 29.93 11.51 -1.83
C ILE C 213 28.83 11.04 -0.91
N TRP C 214 28.66 9.70 -0.78
CA TRP C 214 27.67 9.12 0.09
C TRP C 214 28.25 8.92 1.53
N LEU C 215 29.53 8.57 1.63
CA LEU C 215 30.07 8.23 2.95
C LEU C 215 30.86 9.35 3.56
N ASP C 216 31.48 10.14 2.69
CA ASP C 216 32.59 11.00 3.06
C ASP C 216 32.42 12.38 2.46
N LEU C 217 31.18 12.88 2.32
CA LEU C 217 31.03 14.14 1.56
C LEU C 217 31.72 15.24 2.35
N GLU C 218 31.69 15.19 3.68
CA GLU C 218 32.32 16.23 4.53
C GLU C 218 33.82 16.23 4.31
N LEU C 219 34.41 15.04 4.23
CA LEU C 219 35.85 14.92 3.99
C LEU C 219 36.27 15.48 2.62
N ILE C 220 35.42 15.32 1.60
CA ILE C 220 35.71 15.79 0.25
C ILE C 220 35.74 17.28 0.24
N GLU C 221 34.73 17.92 0.84
CA GLU C 221 34.74 19.38 0.90
C GLU C 221 36.01 19.95 1.60
N LYS C 222 36.40 19.34 2.72
CA LYS C 222 37.59 19.76 3.49
C LYS C 222 38.86 19.59 2.66
N MET C 223 39.02 18.41 2.04
CA MET C 223 40.17 18.14 1.12
C MET C 223 40.22 19.10 -0.06
N SER C 224 39.09 19.31 -0.73
CA SER C 224 39.05 20.30 -1.82
C SER C 224 39.47 21.74 -1.41
N ARG C 225 38.94 22.30 -0.29
CA ARG C 225 39.38 23.60 0.20
C ARG C 225 40.86 23.56 0.65
N PHE C 226 41.26 22.55 1.41
CA PHE C 226 42.65 22.43 1.86
C PHE C 226 43.68 22.35 0.67
N ILE C 227 43.33 21.65 -0.42
CA ILE C 227 44.22 21.57 -1.63
C ILE C 227 44.30 22.90 -2.35
N ARG C 228 43.15 23.60 -2.39
CA ARG C 228 43.13 24.96 -2.94
C ARG C 228 43.96 25.90 -2.05
N GLU C 229 43.68 25.90 -0.74
CA GLU C 229 44.48 26.64 0.25
C GLU C 229 46.00 26.49 0.10
N THR C 230 46.45 25.24 -0.04
CA THR C 230 47.87 24.98 -0.21
C THR C 230 48.41 25.61 -1.49
N GLY C 231 47.54 26.03 -2.41
CA GLY C 231 48.00 26.86 -3.50
C GLY C 231 47.70 26.34 -4.91
N PHE C 232 46.95 25.24 -5.05
CA PHE C 232 46.53 24.82 -6.36
C PHE C 232 45.51 25.82 -6.80
N ALA C 233 45.52 26.13 -8.09
CA ALA C 233 44.58 27.13 -8.60
C ALA C 233 43.17 26.58 -8.79
N SER C 234 43.00 25.26 -8.96
CA SER C 234 41.62 24.74 -9.04
C SER C 234 41.62 23.27 -8.68
N VAL C 235 40.48 22.74 -8.17
CA VAL C 235 40.30 21.32 -7.78
C VAL C 235 38.85 21.06 -8.12
N GLN C 236 38.62 19.93 -8.81
CA GLN C 236 37.29 19.50 -9.24
C GLN C 236 37.20 17.99 -9.02
N TYR C 237 36.02 17.54 -8.56
CA TYR C 237 35.77 16.17 -8.16
C TYR C 237 35.12 15.49 -9.35
N ALA C 238 35.68 14.31 -9.75
CA ALA C 238 35.15 13.51 -10.87
C ALA C 238 34.58 12.27 -10.21
N LEU C 239 33.29 12.06 -10.45
CA LEU C 239 32.60 10.95 -9.84
C LEU C 239 32.71 9.69 -10.72
N MET C 240 32.84 8.45 -10.18
CA MET C 240 32.82 7.28 -11.08
C MET C 240 32.02 6.12 -10.49
N HIS C 241 31.47 5.24 -11.34
CA HIS C 241 30.73 4.06 -10.85
C HIS C 241 31.67 2.87 -10.59
N VAL C 242 31.91 2.52 -9.35
CA VAL C 242 32.75 1.37 -9.03
C VAL C 242 31.90 0.44 -8.18
N PRO C 243 31.41 -0.65 -8.82
CA PRO C 243 30.33 -1.44 -8.19
C PRO C 243 30.82 -2.21 -6.95
N THR C 244 32.14 -2.36 -6.78
CA THR C 244 32.64 -2.95 -5.54
C THR C 244 33.13 -1.97 -4.47
N TYR C 245 32.91 -0.65 -4.64
CA TYR C 245 33.19 0.23 -3.50
C TYR C 245 31.91 0.46 -2.72
N PRO C 246 32.03 0.68 -1.39
CA PRO C 246 30.78 0.80 -0.66
C PRO C 246 29.92 1.96 -1.19
N CYS C 247 28.65 1.65 -1.43
CA CYS C 247 27.65 2.53 -2.07
C CYS C 247 27.84 2.76 -3.57
N GLY C 248 28.80 2.07 -4.19
CA GLY C 248 28.88 1.96 -5.64
C GLY C 248 29.55 3.07 -6.43
N SER C 249 30.23 4.00 -5.71
CA SER C 249 30.95 5.11 -6.35
C SER C 249 32.16 5.61 -5.54
N ILE C 250 33.08 6.24 -6.23
CA ILE C 250 34.18 6.88 -5.53
C ILE C 250 34.48 8.02 -6.52
N GLY C 251 35.42 8.91 -6.21
CA GLY C 251 35.69 10.02 -7.09
C GLY C 251 37.14 10.34 -6.90
N THR C 252 37.60 11.31 -7.67
CA THR C 252 39.01 11.70 -7.62
C THR C 252 38.98 13.23 -7.68
N LEU C 253 39.79 13.90 -6.84
CA LEU C 253 39.99 15.33 -7.00
C LEU C 253 41.04 15.61 -8.03
N VAL C 254 40.64 16.34 -9.06
CA VAL C 254 41.54 16.65 -10.13
C VAL C 254 42.00 18.12 -9.97
N CYS C 255 43.31 18.32 -9.80
CA CYS C 255 43.78 19.61 -9.33
C CYS C 255 44.77 20.18 -10.30
N SER C 256 44.62 21.49 -10.58
CA SER C 256 45.48 22.15 -11.54
C SER C 256 46.39 23.18 -10.81
N LYS C 257 47.69 23.15 -11.07
CA LYS C 257 48.62 24.13 -10.45
C LYS C 257 48.47 25.47 -11.19
N LYS C 258 48.25 25.42 -12.50
CA LYS C 258 48.07 26.59 -13.33
C LYS C 258 46.61 27.19 -13.27
N ALA C 259 46.51 28.51 -13.11
CA ALA C 259 45.18 29.19 -13.10
C ALA C 259 44.59 29.14 -14.54
N GLY C 260 43.28 29.20 -14.66
CA GLY C 260 42.66 29.27 -15.99
C GLY C 260 42.48 27.91 -16.67
N VAL C 261 42.79 26.83 -15.97
CA VAL C 261 42.68 25.47 -16.59
C VAL C 261 41.31 24.88 -16.20
N ASP C 262 40.61 24.34 -17.16
CA ASP C 262 39.36 23.71 -16.86
C ASP C 262 39.50 22.20 -17.10
N VAL C 263 39.80 21.44 -16.03
CA VAL C 263 40.03 20.00 -16.15
C VAL C 263 38.72 19.22 -16.49
N THR C 264 37.54 19.87 -16.37
CA THR C 264 36.28 19.14 -16.54
C THR C 264 36.02 18.81 -17.98
N LYS C 265 36.73 19.42 -18.90
CA LYS C 265 36.58 19.14 -20.35
C LYS C 265 37.96 18.76 -20.81
N PRO C 266 38.08 17.57 -21.41
CA PRO C 266 39.37 17.05 -21.80
C PRO C 266 40.14 18.05 -22.66
N LEU C 267 41.39 18.33 -22.26
CA LEU C 267 42.24 19.20 -23.03
C LEU C 267 42.81 18.48 -24.26
N ARG C 268 43.23 17.25 -24.09
CA ARG C 268 43.64 16.38 -25.15
C ARG C 268 42.76 15.08 -25.23
N PRO C 269 41.73 15.11 -26.06
CA PRO C 269 40.75 14.05 -26.08
C PRO C 269 41.36 12.75 -26.43
N VAL C 270 41.04 11.71 -25.64
CA VAL C 270 41.56 10.34 -25.82
C VAL C 270 41.25 9.80 -27.23
N GLU C 271 40.12 10.26 -27.80
CA GLU C 271 39.69 9.74 -29.06
C GLU C 271 40.77 9.95 -30.14
N ASP C 272 41.68 10.89 -29.93
CA ASP C 272 42.64 11.20 -30.95
C ASP C 272 43.87 10.37 -30.74
N MET C 273 43.85 9.47 -29.75
CA MET C 273 45.00 8.74 -29.37
C MET C 273 44.75 7.30 -29.84
N PRO C 274 45.81 6.53 -30.06
CA PRO C 274 45.52 5.26 -30.77
C PRO C 274 44.94 4.14 -29.89
N PHE C 275 44.93 4.33 -28.55
CA PHE C 275 44.48 3.28 -27.62
C PHE C 275 43.02 3.54 -27.15
N ALA C 276 42.34 4.57 -27.68
CA ALA C 276 41.00 4.92 -27.17
C ALA C 276 40.06 3.72 -27.09
N LYS C 277 40.05 2.89 -28.15
CA LYS C 277 39.04 1.81 -28.18
C LYS C 277 39.45 0.62 -27.39
N ASP C 278 40.66 0.63 -26.83
CA ASP C 278 41.09 -0.43 -25.89
C ASP C 278 40.48 -0.28 -24.51
N LEU C 279 40.02 0.94 -24.17
CA LEU C 279 39.52 1.28 -22.83
C LEU C 279 38.12 0.73 -22.59
N LYS C 280 37.84 0.36 -21.34
CA LYS C 280 36.54 -0.26 -21.04
C LYS C 280 35.54 0.65 -20.34
N TYR C 281 36.03 1.76 -19.79
CA TYR C 281 35.18 2.70 -19.11
C TYR C 281 35.31 4.07 -19.74
N TYR C 282 36.54 4.60 -19.71
CA TYR C 282 36.77 6.05 -19.93
C TYR C 282 36.70 6.44 -21.44
N ASP C 283 36.13 7.60 -21.71
CA ASP C 283 36.15 8.29 -23.02
C ASP C 283 35.86 9.76 -22.75
N SER C 284 35.82 10.64 -23.75
CA SER C 284 35.62 12.08 -23.47
C SER C 284 34.24 12.38 -22.92
N GLU C 285 33.22 11.66 -23.40
CA GLU C 285 31.87 11.87 -22.86
C GLU C 285 31.77 11.50 -21.35
N MET C 286 32.36 10.35 -20.99
CA MET C 286 32.44 9.98 -19.57
C MET C 286 33.25 11.01 -18.81
N HIS C 287 34.34 11.51 -19.40
CA HIS C 287 35.23 12.52 -18.68
C HIS C 287 34.30 13.73 -18.28
N LYS C 288 33.57 14.24 -19.28
CA LYS C 288 32.75 15.43 -19.04
C LYS C 288 31.65 15.12 -18.06
N ALA C 289 31.03 13.93 -18.20
CA ALA C 289 29.94 13.49 -17.35
C ALA C 289 30.37 13.38 -15.91
N SER C 290 31.62 12.95 -15.71
CA SER C 290 32.06 12.58 -14.32
C SER C 290 32.09 13.82 -13.36
N PHE C 291 32.17 15.00 -13.94
CA PHE C 291 32.19 16.25 -13.15
C PHE C 291 30.78 16.83 -12.85
N ALA C 292 29.77 16.24 -13.49
CA ALA C 292 28.41 16.62 -13.09
C ALA C 292 27.99 15.83 -11.85
N LEU C 293 27.73 16.58 -10.79
CA LEU C 293 27.46 15.93 -9.49
C LEU C 293 25.96 16.06 -9.12
N PRO C 294 25.41 15.07 -8.35
CA PRO C 294 24.06 15.24 -7.77
C PRO C 294 23.96 16.60 -7.02
N ARG C 295 22.75 17.19 -7.00
CA ARG C 295 22.63 18.55 -6.42
C ARG C 295 23.12 18.57 -5.01
N PHE C 296 22.88 17.51 -4.24
CA PHE C 296 23.23 17.53 -2.80
C PHE C 296 24.75 17.68 -2.62
N ALA C 297 25.49 17.39 -3.69
CA ALA C 297 26.97 17.34 -3.68
C ALA C 297 27.67 18.40 -4.50
N ARG C 298 26.87 19.13 -5.27
CA ARG C 298 27.41 19.99 -6.31
C ARG C 298 28.23 21.18 -5.81
N HIS C 299 28.07 21.53 -4.55
CA HIS C 299 28.82 22.62 -3.93
C HIS C 299 30.32 22.28 -3.87
N ILE C 300 30.61 20.99 -3.94
CA ILE C 300 32.01 20.51 -4.08
C ILE C 300 32.71 21.13 -5.30
N ASN C 301 32.03 21.19 -6.43
CA ASN C 301 32.57 21.72 -7.70
C ASN C 301 32.11 23.13 -8.13
N ASN C 302 31.07 23.65 -7.49
CA ASN C 302 30.33 24.90 -7.85
C ASN C 302 29.89 25.00 -9.30
N GLU D 13 8.89 -13.67 11.28
CA GLU D 13 10.27 -14.04 10.92
C GLU D 13 11.34 -12.98 11.30
N LEU D 14 11.43 -11.84 10.60
CA LEU D 14 12.45 -10.82 10.93
C LEU D 14 12.31 -10.37 12.41
N ILE D 15 13.41 -10.22 13.15
CA ILE D 15 13.24 -9.65 14.48
C ILE D 15 14.15 -8.45 14.75
N SER D 16 13.65 -7.57 15.59
CA SER D 16 14.37 -6.39 16.00
C SER D 16 15.72 -6.83 16.62
N GLY D 17 16.84 -6.23 16.19
CA GLY D 17 18.19 -6.62 16.71
C GLY D 17 18.87 -7.63 15.77
N GLY D 18 18.06 -8.36 15.00
CA GLY D 18 18.57 -9.17 13.87
C GLY D 18 19.07 -8.32 12.72
N TRP D 19 19.58 -8.98 11.67
CA TRP D 19 20.07 -8.29 10.47
C TRP D 19 19.18 -8.78 9.32
N PHE D 20 18.72 -7.87 8.45
CA PHE D 20 18.13 -8.22 7.13
C PHE D 20 19.26 -8.51 6.12
N ARG D 21 19.17 -9.63 5.39
CA ARG D 21 20.22 -10.07 4.41
C ARG D 21 19.58 -10.15 3.02
N GLU D 22 20.22 -9.55 2.04
CA GLU D 22 19.72 -9.52 0.67
C GLU D 22 20.71 -10.34 -0.23
N GLU D 23 20.24 -11.50 -0.68
CA GLU D 23 20.97 -12.34 -1.67
C GLU D 23 19.93 -12.69 -2.69
N ASN D 24 20.38 -13.05 -3.89
CA ASN D 24 19.49 -13.23 -5.04
C ASN D 24 20.29 -13.92 -6.13
N ASP D 25 19.59 -14.83 -6.79
CA ASP D 25 20.07 -15.57 -7.94
C ASP D 25 20.43 -14.71 -9.14
N GLN D 26 19.75 -13.58 -9.30
CA GLN D 26 20.11 -12.55 -10.33
C GLN D 26 21.47 -11.88 -10.11
N TRP D 27 22.02 -11.97 -8.91
CA TRP D 27 23.35 -11.44 -8.61
C TRP D 27 24.13 -12.44 -7.72
N PRO D 28 24.64 -13.55 -8.34
CA PRO D 28 25.21 -14.59 -7.48
C PRO D 28 26.47 -14.11 -6.81
N GLY D 29 26.74 -14.68 -5.64
CA GLY D 29 27.99 -14.48 -4.93
C GLY D 29 28.18 -13.17 -4.17
N GLN D 30 27.18 -12.30 -4.16
CA GLN D 30 27.27 -11.03 -3.39
C GLN D 30 26.04 -10.84 -2.44
N ALA D 31 26.19 -10.02 -1.42
CA ALA D 31 25.10 -9.91 -0.43
C ALA D 31 25.18 -8.57 0.26
N MET D 32 24.05 -7.92 0.45
CA MET D 32 24.00 -6.74 1.33
C MET D 32 23.16 -6.98 2.57
N SER D 33 23.64 -6.43 3.68
CA SER D 33 23.05 -6.67 4.98
C SER D 33 22.83 -5.37 5.77
N LEU D 34 21.67 -5.25 6.43
CA LEU D 34 21.34 -4.12 7.29
C LEU D 34 20.85 -4.58 8.64
N ARG D 35 21.36 -3.97 9.70
CA ARG D 35 20.83 -4.18 11.06
C ARG D 35 19.43 -3.67 11.20
N VAL D 36 18.56 -4.49 11.74
CA VAL D 36 17.15 -4.08 12.01
C VAL D 36 17.08 -3.50 13.43
N GLU D 37 16.89 -2.19 13.54
CA GLU D 37 16.48 -1.61 14.83
C GLU D 37 15.09 -2.03 15.33
N LYS D 38 14.13 -2.00 14.41
CA LYS D 38 12.78 -2.33 14.76
C LYS D 38 11.98 -2.75 13.50
N VAL D 39 11.29 -3.88 13.59
CA VAL D 39 10.35 -4.38 12.56
C VAL D 39 9.00 -3.65 12.56
N LEU D 40 8.62 -3.08 11.43
CA LEU D 40 7.36 -2.31 11.38
C LEU D 40 6.33 -3.07 10.62
N TYR D 41 6.76 -3.89 9.65
CA TYR D 41 5.83 -4.74 8.88
C TYR D 41 6.62 -5.91 8.28
N ASP D 42 6.02 -7.09 8.30
CA ASP D 42 6.68 -8.28 7.81
C ASP D 42 5.65 -9.35 7.57
N ALA D 43 5.18 -9.52 6.34
CA ALA D 43 4.07 -10.45 6.08
C ALA D 43 3.88 -10.61 4.58
N PRO D 44 3.40 -11.81 4.12
CA PRO D 44 2.88 -11.98 2.76
C PRO D 44 1.73 -11.05 2.52
N THR D 45 1.72 -10.53 1.32
CA THR D 45 0.69 -9.70 0.81
C THR D 45 -0.09 -10.62 -0.16
N LYS D 46 -1.15 -10.13 -0.80
CA LYS D 46 -1.72 -10.90 -1.90
C LYS D 46 -0.69 -11.21 -3.01
N PHE D 47 0.28 -10.32 -3.26
CA PHE D 47 1.19 -10.48 -4.39
C PHE D 47 2.66 -10.78 -4.13
N GLN D 48 3.18 -10.44 -2.95
CA GLN D 48 4.64 -10.42 -2.76
C GLN D 48 4.86 -10.40 -1.25
N HIS D 49 6.09 -10.61 -0.82
CA HIS D 49 6.38 -10.47 0.59
C HIS D 49 6.80 -8.99 0.90
N LEU D 50 6.16 -8.33 1.89
CA LEU D 50 6.42 -6.91 2.17
C LEU D 50 7.09 -6.81 3.54
N THR D 51 8.27 -6.18 3.61
CA THR D 51 9.03 -6.02 4.86
C THR D 51 9.39 -4.54 5.02
N ILE D 52 8.96 -3.93 6.13
CA ILE D 52 9.37 -2.59 6.43
C ILE D 52 10.08 -2.59 7.78
N PHE D 53 11.22 -1.91 7.85
CA PHE D 53 11.90 -1.78 9.11
C PHE D 53 12.62 -0.42 9.30
N GLU D 54 12.72 0.05 10.54
CA GLU D 54 13.67 1.08 10.83
C GLU D 54 15.03 0.37 10.91
N SER D 55 15.99 0.92 10.18
CA SER D 55 17.37 0.44 10.20
C SER D 55 18.12 1.11 11.35
N ASP D 56 19.39 0.81 11.46
CA ASP D 56 20.18 1.25 12.61
C ASP D 56 20.20 2.78 12.62
N PRO D 57 19.68 3.42 13.69
CA PRO D 57 19.62 4.88 13.77
C PRO D 57 20.97 5.54 13.92
N LYS D 58 22.05 4.76 14.07
CA LYS D 58 23.40 5.33 13.96
C LYS D 58 23.84 5.47 12.51
N GLY D 59 23.24 4.69 11.60
CA GLY D 59 23.58 4.70 10.17
C GLY D 59 22.63 5.68 9.48
N PRO D 60 22.76 5.87 8.15
CA PRO D 60 21.90 6.96 7.56
C PRO D 60 20.60 6.55 6.86
N TRP D 61 20.33 5.26 6.79
CA TRP D 61 19.25 4.78 5.89
C TRP D 61 17.81 5.08 6.33
N GLY D 62 17.55 5.11 7.65
CA GLY D 62 16.21 5.42 8.15
C GLY D 62 15.33 4.19 7.91
N THR D 63 14.06 4.43 7.57
CA THR D 63 13.12 3.37 7.32
C THR D 63 13.43 2.68 5.98
N VAL D 64 13.23 1.36 5.93
CA VAL D 64 13.62 0.57 4.73
C VAL D 64 12.43 -0.26 4.31
N MET D 65 12.18 -0.42 3.01
CA MET D 65 11.11 -1.26 2.51
C MET D 65 11.69 -2.21 1.50
N ALA D 66 11.37 -3.50 1.64
CA ALA D 66 11.86 -4.56 0.74
C ALA D 66 10.63 -5.32 0.25
N LEU D 67 10.67 -5.84 -0.97
CA LEU D 67 9.60 -6.61 -1.57
C LEU D 67 10.22 -7.90 -2.06
N ASP D 68 9.69 -9.07 -1.63
CA ASP D 68 10.32 -10.37 -1.97
C ASP D 68 11.82 -10.33 -1.67
N GLY D 69 12.17 -9.71 -0.53
CA GLY D 69 13.56 -9.79 0.01
C GLY D 69 14.54 -8.80 -0.63
N CYS D 70 14.05 -7.90 -1.49
CA CYS D 70 14.90 -6.91 -2.17
C CYS D 70 14.51 -5.51 -1.81
N ILE D 71 15.49 -4.72 -1.38
CA ILE D 71 15.25 -3.34 -0.90
C ILE D 71 14.70 -2.51 -2.07
N GLN D 72 13.58 -1.83 -1.84
CA GLN D 72 12.98 -1.03 -2.90
C GLN D 72 13.14 0.45 -2.65
N VAL D 73 13.13 0.83 -1.36
CA VAL D 73 12.99 2.21 -0.94
C VAL D 73 13.74 2.34 0.42
N THR D 74 14.56 3.38 0.60
CA THR D 74 14.98 3.84 1.92
C THR D 74 14.81 5.33 1.98
N ASP D 75 14.66 5.82 3.20
CA ASP D 75 14.28 7.21 3.44
C ASP D 75 15.41 8.01 2.85
N TYR D 76 16.62 7.49 3.01
CA TYR D 76 17.81 8.20 2.66
C TYR D 76 18.15 8.35 1.17
N ASP D 77 17.98 7.30 0.33
CA ASP D 77 18.27 7.49 -1.12
C ASP D 77 17.08 7.43 -2.09
N GLU D 78 15.86 7.40 -1.59
CA GLU D 78 14.68 7.26 -2.49
C GLU D 78 14.62 8.38 -3.48
N PHE D 79 15.18 9.56 -3.09
CA PHE D 79 15.02 10.75 -3.97
C PHE D 79 15.71 10.53 -5.35
N VAL D 80 16.74 9.66 -5.37
CA VAL D 80 17.50 9.51 -6.62
C VAL D 80 16.61 8.99 -7.73
N TYR D 81 16.12 7.78 -7.51
CA TYR D 81 15.39 7.10 -8.50
C TYR D 81 14.02 7.78 -8.79
N HIS D 82 13.35 8.33 -7.77
CA HIS D 82 12.07 9.04 -8.04
C HIS D 82 12.28 10.32 -8.83
N GLU D 83 13.36 11.04 -8.53
CA GLU D 83 13.63 12.30 -9.25
C GLU D 83 14.07 11.98 -10.67
N VAL D 84 14.88 10.92 -10.82
CA VAL D 84 15.37 10.64 -12.15
C VAL D 84 14.20 10.18 -13.02
N LEU D 85 13.35 9.30 -12.52
CA LEU D 85 12.28 8.81 -13.37
C LEU D 85 11.33 9.95 -13.69
N GLY D 86 10.96 10.72 -12.66
CA GLY D 86 9.94 11.79 -12.85
C GLY D 86 10.40 12.91 -13.75
N HIS D 87 11.61 13.42 -13.51
CA HIS D 87 12.10 14.59 -14.23
C HIS D 87 12.73 14.31 -15.57
N THR D 88 13.49 13.22 -15.71
CA THR D 88 14.11 12.95 -17.01
C THR D 88 12.97 12.79 -18.06
N SER D 89 11.85 12.23 -17.64
CA SER D 89 10.78 11.97 -18.60
C SER D 89 9.98 13.22 -18.89
N LEU D 90 9.52 13.89 -17.83
CA LEU D 90 8.70 15.09 -17.98
C LEU D 90 9.43 16.30 -18.61
N CYS D 91 10.74 16.42 -18.31
CA CYS D 91 11.56 17.46 -18.90
C CYS D 91 11.97 17.11 -20.34
N SER D 92 11.59 15.92 -20.84
CA SER D 92 11.80 15.55 -22.25
C SER D 92 10.50 15.72 -23.10
N HIS D 93 9.41 16.12 -22.45
CA HIS D 93 8.10 16.22 -23.12
C HIS D 93 7.77 17.68 -23.28
N PRO D 94 7.19 18.09 -24.42
CA PRO D 94 6.93 19.56 -24.56
C PRO D 94 5.82 20.13 -23.63
N LYS D 95 4.85 19.29 -23.24
CA LYS D 95 3.70 19.77 -22.40
C LYS D 95 3.05 18.56 -21.76
N PRO D 96 3.64 18.03 -20.66
CA PRO D 96 3.10 16.78 -20.13
C PRO D 96 1.84 16.99 -19.24
N GLU D 97 0.67 16.81 -19.81
CA GLU D 97 -0.60 17.14 -19.14
C GLU D 97 -1.25 15.96 -18.49
N ARG D 98 -1.09 14.76 -19.08
CA ARG D 98 -1.75 13.53 -18.62
C ARG D 98 -0.69 12.43 -18.48
N VAL D 99 -0.46 11.97 -17.25
CA VAL D 99 0.73 11.10 -17.00
C VAL D 99 0.15 9.82 -16.45
N LEU D 100 0.69 8.66 -16.89
CA LEU D 100 0.40 7.35 -16.27
C LEU D 100 1.65 6.83 -15.56
N ILE D 101 1.49 6.44 -14.30
CA ILE D 101 2.55 5.68 -13.56
C ILE D 101 2.01 4.25 -13.32
N ILE D 102 2.70 3.24 -13.85
CA ILE D 102 2.43 1.85 -13.51
C ILE D 102 3.39 1.39 -12.38
N GLY D 103 2.82 0.86 -11.32
CA GLY D 103 3.60 0.56 -10.10
C GLY D 103 3.72 1.86 -9.30
N GLY D 104 4.89 2.13 -8.75
CA GLY D 104 5.06 3.32 -7.93
C GLY D 104 4.07 3.51 -6.76
N GLY D 105 3.63 2.39 -6.20
CA GLY D 105 2.69 2.39 -5.05
C GLY D 105 3.18 3.14 -3.80
N ASP D 106 4.49 3.40 -3.69
CA ASP D 106 5.02 4.14 -2.52
C ASP D 106 4.76 5.66 -2.70
N GLY D 107 4.38 6.12 -3.92
CA GLY D 107 4.08 7.56 -4.18
C GLY D 107 5.25 8.50 -4.56
N GLY D 108 6.47 7.98 -4.53
CA GLY D 108 7.68 8.79 -4.86
C GLY D 108 7.70 9.37 -6.27
N VAL D 109 7.51 8.55 -7.29
CA VAL D 109 7.52 9.10 -8.68
C VAL D 109 6.33 10.06 -8.80
N LEU D 110 5.21 9.64 -8.25
CA LEU D 110 4.03 10.59 -8.26
C LEU D 110 4.35 12.01 -7.63
N ARG D 111 5.03 12.02 -6.50
CA ARG D 111 5.52 13.26 -5.82
C ARG D 111 6.29 14.15 -6.74
N GLU D 112 7.24 13.53 -7.49
CA GLU D 112 8.04 14.28 -8.43
C GLU D 112 7.25 14.76 -9.66
N VAL D 113 6.37 13.90 -10.21
CA VAL D 113 5.55 14.21 -11.37
C VAL D 113 4.67 15.41 -10.98
N LEU D 114 4.11 15.40 -9.76
CA LEU D 114 3.23 16.50 -9.30
C LEU D 114 3.91 17.88 -9.06
N ARG D 115 5.26 17.93 -8.99
CA ARG D 115 5.94 19.24 -8.97
C ARG D 115 5.69 20.02 -10.27
N HIS D 116 5.42 19.35 -11.40
CA HIS D 116 5.34 20.06 -12.65
C HIS D 116 3.97 20.73 -12.72
N GLY D 117 3.97 22.04 -12.96
CA GLY D 117 2.72 22.80 -13.07
C GLY D 117 1.93 22.44 -14.33
N THR D 118 2.62 21.92 -15.35
CA THR D 118 1.98 21.52 -16.62
C THR D 118 1.09 20.29 -16.45
N VAL D 119 1.33 19.49 -15.41
CA VAL D 119 0.59 18.26 -15.16
C VAL D 119 -0.84 18.54 -14.71
N GLU D 120 -1.77 18.12 -15.52
CA GLU D 120 -3.22 18.31 -15.19
C GLU D 120 -3.76 17.13 -14.40
N HIS D 121 -3.29 15.94 -14.73
CA HIS D 121 -3.79 14.72 -14.10
C HIS D 121 -2.78 13.60 -14.26
N CYS D 122 -2.60 12.82 -13.23
CA CYS D 122 -1.77 11.67 -13.26
C CYS D 122 -2.57 10.48 -12.71
N ASP D 123 -2.67 9.40 -13.49
CA ASP D 123 -3.19 8.15 -12.97
C ASP D 123 -2.09 7.26 -12.40
N LEU D 124 -2.29 6.66 -11.24
CA LEU D 124 -1.28 5.68 -10.72
C LEU D 124 -1.97 4.34 -10.56
N VAL D 125 -1.36 3.27 -11.08
CA VAL D 125 -1.89 1.92 -10.98
C VAL D 125 -0.86 0.97 -10.43
N ASP D 126 -1.05 0.50 -9.20
CA ASP D 126 -0.12 -0.49 -8.54
C ASP D 126 -0.92 -1.72 -8.14
N ILE D 127 -0.42 -2.91 -8.46
CA ILE D 127 -1.13 -4.22 -8.18
C ILE D 127 -1.37 -4.58 -6.69
N ASP D 128 -0.60 -3.97 -5.82
CA ASP D 128 -0.60 -4.30 -4.39
C ASP D 128 -1.02 -3.14 -3.51
N GLY D 129 -2.29 -3.12 -3.11
CA GLY D 129 -2.84 -2.08 -2.26
C GLY D 129 -2.14 -1.95 -0.89
N GLU D 130 -1.58 -3.05 -0.40
CA GLU D 130 -0.86 -3.09 0.90
C GLU D 130 0.44 -2.29 0.88
N VAL D 131 1.14 -2.30 -0.26
CA VAL D 131 2.29 -1.40 -0.41
C VAL D 131 1.76 0.01 -0.28
N MET D 132 0.59 0.38 -0.90
CA MET D 132 0.18 1.79 -0.72
C MET D 132 -0.11 2.06 0.73
N GLU D 133 -0.89 1.14 1.30
CA GLU D 133 -1.27 1.18 2.71
C GLU D 133 -0.04 1.38 3.59
N GLN D 134 0.96 0.49 3.52
CA GLN D 134 2.19 0.62 4.38
C GLN D 134 3.05 1.88 4.12
N SER D 135 3.01 2.33 2.86
CA SER D 135 3.66 3.56 2.48
C SER D 135 3.02 4.76 3.17
N LYS D 136 1.67 4.82 3.15
CA LYS D 136 0.92 5.81 3.95
C LYS D 136 1.35 5.78 5.40
N GLN D 137 1.37 4.61 5.99
CA GLN D 137 1.69 4.45 7.41
C GLN D 137 3.15 4.76 7.74
N HIS D 138 4.08 4.35 6.89
CA HIS D 138 5.51 4.37 7.27
C HIS D 138 6.43 5.17 6.41
N PHE D 139 5.93 5.68 5.27
CA PHE D 139 6.70 6.68 4.48
C PHE D 139 5.87 7.93 4.11
N PRO D 140 5.40 8.68 5.13
CA PRO D 140 4.49 9.80 4.87
C PRO D 140 5.11 10.86 3.93
N GLN D 141 6.43 10.99 3.95
CA GLN D 141 7.10 11.88 3.01
C GLN D 141 7.02 11.45 1.53
N ILE D 142 6.88 10.18 1.28
CA ILE D 142 6.90 9.68 -0.07
C ILE D 142 5.45 9.55 -0.50
N SER D 143 4.57 9.25 0.46
CA SER D 143 3.19 8.79 0.14
C SER D 143 2.08 9.84 0.15
N ARG D 144 2.42 11.08 0.51
CA ARG D 144 1.44 12.12 0.59
C ARG D 144 0.80 12.37 -0.77
N SER D 145 1.63 12.20 -1.81
CA SER D 145 1.26 12.56 -3.14
C SER D 145 0.00 11.80 -3.52
N LEU D 146 -0.14 10.62 -2.93
CA LEU D 146 -1.26 9.74 -3.27
C LEU D 146 -2.63 10.41 -3.04
N ALA D 147 -2.70 11.33 -2.09
CA ALA D 147 -3.93 12.06 -1.81
C ALA D 147 -4.13 13.37 -2.62
N ASP D 148 -3.17 13.73 -3.49
CA ASP D 148 -3.30 14.94 -4.30
C ASP D 148 -4.55 14.99 -5.23
N PRO D 149 -5.24 16.16 -5.32
CA PRO D 149 -6.43 16.29 -6.18
C PRO D 149 -6.12 15.96 -7.65
N ARG D 150 -4.89 16.18 -8.09
CA ARG D 150 -4.51 15.85 -9.50
C ARG D 150 -4.24 14.36 -9.81
N ALA D 151 -4.13 13.52 -8.76
CA ALA D 151 -3.86 12.07 -8.89
C ALA D 151 -5.12 11.25 -8.71
N THR D 152 -5.20 10.16 -9.48
CA THR D 152 -6.21 9.10 -9.24
C THR D 152 -5.49 7.79 -9.07
N VAL D 153 -5.56 7.24 -7.87
CA VAL D 153 -4.82 6.01 -7.56
C VAL D 153 -5.75 4.78 -7.72
N ARG D 154 -5.32 3.75 -8.48
CA ARG D 154 -6.04 2.43 -8.57
C ARG D 154 -5.20 1.32 -8.06
N VAL D 155 -5.82 0.37 -7.38
CA VAL D 155 -5.14 -0.91 -7.19
C VAL D 155 -5.56 -1.83 -8.34
N GLY D 156 -4.56 -2.35 -9.06
CA GLY D 156 -4.81 -3.18 -10.26
C GLY D 156 -3.55 -3.54 -10.99
N ASP D 157 -3.62 -4.58 -11.84
CA ASP D 157 -2.50 -4.95 -12.70
C ASP D 157 -2.36 -3.91 -13.83
N GLY D 158 -1.17 -3.34 -13.97
CA GLY D 158 -0.94 -2.37 -15.08
C GLY D 158 -1.13 -3.00 -16.47
N LEU D 159 -0.70 -4.26 -16.58
CA LEU D 159 -0.84 -5.00 -17.86
C LEU D 159 -2.29 -4.97 -18.33
N ALA D 160 -3.18 -5.27 -17.43
CA ALA D 160 -4.62 -5.17 -17.64
C ALA D 160 -5.06 -3.72 -17.78
N PHE D 161 -4.56 -2.82 -16.92
CA PHE D 161 -4.96 -1.40 -17.08
C PHE D 161 -4.69 -0.78 -18.47
N VAL D 162 -3.51 -1.05 -19.01
CA VAL D 162 -3.12 -0.47 -20.30
C VAL D 162 -3.95 -1.08 -21.43
N ARG D 163 -4.27 -2.35 -21.29
CA ARG D 163 -4.99 -3.09 -22.30
C ARG D 163 -6.35 -2.48 -22.48
N GLN D 164 -6.95 -2.04 -21.39
CA GLN D 164 -8.27 -1.37 -21.38
C GLN D 164 -8.24 0.17 -21.56
N THR D 165 -7.05 0.78 -21.72
CA THR D 165 -6.99 2.23 -21.96
C THR D 165 -7.24 2.60 -23.44
N PRO D 166 -8.00 3.68 -23.74
CA PRO D 166 -8.03 3.98 -25.22
C PRO D 166 -6.65 4.39 -25.87
N ASP D 167 -6.58 4.42 -27.20
CA ASP D 167 -5.37 4.94 -27.85
C ASP D 167 -5.24 6.42 -27.48
N ASN D 168 -4.00 6.93 -27.43
CA ASN D 168 -3.74 8.33 -27.38
C ASN D 168 -4.27 8.99 -26.16
N THR D 169 -4.12 8.31 -25.05
CA THR D 169 -4.59 8.83 -23.78
C THR D 169 -3.52 9.64 -23.05
N TYR D 170 -2.27 9.24 -23.12
CA TYR D 170 -1.28 9.79 -22.17
C TYR D 170 -0.14 10.48 -22.86
N ASP D 171 0.41 11.53 -22.26
CA ASP D 171 1.61 12.16 -22.76
C ASP D 171 2.88 11.45 -22.28
N VAL D 172 2.81 10.89 -21.08
CA VAL D 172 3.98 10.18 -20.50
C VAL D 172 3.52 8.92 -19.77
N VAL D 173 4.24 7.82 -19.94
CA VAL D 173 3.97 6.61 -19.15
C VAL D 173 5.27 6.21 -18.47
N ILE D 174 5.25 6.14 -17.16
CA ILE D 174 6.42 5.80 -16.34
C ILE D 174 6.15 4.45 -15.71
N ILE D 175 7.04 3.50 -15.96
CA ILE D 175 6.83 2.15 -15.50
C ILE D 175 7.82 1.88 -14.34
N ASP D 176 7.34 2.07 -13.12
CA ASP D 176 8.16 1.99 -11.89
C ASP D 176 7.84 0.63 -11.22
N THR D 177 8.47 -0.43 -11.70
CA THR D 177 8.14 -1.76 -11.26
C THR D 177 9.26 -2.36 -10.40
N THR D 178 9.00 -3.59 -9.92
CA THR D 178 10.01 -4.50 -9.37
C THR D 178 10.87 -5.19 -10.49
N ASP D 179 11.52 -6.32 -10.14
CA ASP D 179 12.31 -7.18 -11.08
C ASP D 179 11.47 -7.84 -12.21
N PRO D 180 12.14 -8.36 -13.27
CA PRO D 180 11.49 -9.28 -14.23
C PRO D 180 11.21 -10.71 -13.71
N ALA D 181 11.72 -11.05 -12.51
CA ALA D 181 11.49 -12.38 -11.92
C ALA D 181 10.37 -12.39 -10.87
N GLY D 182 9.51 -11.37 -10.87
CA GLY D 182 8.42 -11.29 -9.89
C GLY D 182 7.09 -10.97 -10.51
N PRO D 183 6.21 -10.22 -9.78
CA PRO D 183 4.92 -9.82 -10.38
C PRO D 183 5.01 -8.82 -11.58
N ALA D 184 6.23 -8.32 -11.88
CA ALA D 184 6.49 -7.32 -12.97
C ALA D 184 7.05 -7.89 -14.29
N SER D 185 7.06 -9.23 -14.40
CA SER D 185 7.71 -9.99 -15.47
C SER D 185 7.20 -9.80 -16.94
N LYS D 186 5.88 -9.74 -17.15
CA LYS D 186 5.28 -9.35 -18.46
C LYS D 186 5.58 -7.88 -18.86
N LEU D 187 5.86 -7.07 -17.85
CA LEU D 187 6.12 -5.65 -17.99
C LEU D 187 7.58 -5.37 -18.40
N PHE D 188 8.35 -6.44 -18.57
CA PHE D 188 9.59 -6.39 -19.36
C PHE D 188 9.39 -7.09 -20.74
N GLY D 189 8.12 -7.32 -21.11
CA GLY D 189 7.74 -7.98 -22.38
C GLY D 189 7.27 -7.08 -23.54
N GLU D 190 7.41 -7.61 -24.76
CA GLU D 190 7.14 -6.87 -26.02
C GLU D 190 5.62 -6.61 -26.34
N ALA D 191 4.67 -7.50 -25.98
CA ALA D 191 3.21 -7.16 -26.17
C ALA D 191 2.62 -6.11 -25.19
N PHE D 192 3.33 -5.88 -24.08
CA PHE D 192 2.86 -4.91 -23.08
C PHE D 192 3.20 -3.53 -23.61
N TYR D 193 4.41 -3.44 -24.10
CA TYR D 193 4.96 -2.26 -24.62
C TYR D 193 4.18 -1.79 -25.89
N LYS D 194 3.51 -2.72 -26.55
CA LYS D 194 2.82 -2.36 -27.75
C LYS D 194 1.56 -1.63 -27.34
N ASP D 195 0.97 -2.06 -26.21
CA ASP D 195 -0.07 -1.31 -25.60
C ASP D 195 0.41 0.05 -25.08
N VAL D 196 1.56 0.08 -24.44
CA VAL D 196 2.09 1.35 -23.97
C VAL D 196 2.22 2.31 -25.14
N LEU D 197 2.80 1.82 -26.25
CA LEU D 197 3.02 2.68 -27.42
C LEU D 197 1.69 3.22 -27.92
N ARG D 198 0.70 2.36 -27.93
CA ARG D 198 -0.66 2.68 -28.44
C ARG D 198 -1.38 3.70 -27.56
N ILE D 199 -1.19 3.64 -26.23
CA ILE D 199 -1.94 4.57 -25.33
C ILE D 199 -1.27 5.92 -25.21
N LEU D 200 -0.04 6.03 -25.72
CA LEU D 200 0.64 7.35 -25.75
C LEU D 200 0.12 8.18 -26.93
N LYS D 201 0.07 9.49 -26.70
CA LYS D 201 -0.21 10.46 -27.75
C LYS D 201 0.99 10.56 -28.67
N PRO D 202 0.84 11.31 -29.80
CA PRO D 202 1.93 11.19 -30.77
C PRO D 202 3.27 11.69 -30.28
N ASP D 203 3.30 12.68 -29.38
CA ASP D 203 4.54 13.17 -28.81
C ASP D 203 4.90 12.39 -27.53
N GLY D 204 4.37 11.19 -27.34
CA GLY D 204 4.48 10.48 -26.03
C GLY D 204 5.89 10.07 -25.69
N ILE D 205 6.17 10.04 -24.40
CA ILE D 205 7.49 9.58 -23.86
C ILE D 205 7.13 8.44 -22.88
N CYS D 206 7.88 7.33 -22.87
CA CYS D 206 7.67 6.24 -21.91
C CYS D 206 9.01 6.09 -21.16
N CYS D 207 9.00 5.96 -19.85
CA CYS D 207 10.26 5.48 -19.25
C CYS D 207 10.05 4.36 -18.28
N ASN D 208 11.07 3.60 -17.97
CA ASN D 208 10.89 2.42 -17.12
C ASN D 208 12.05 2.19 -16.17
N GLN D 209 11.90 1.24 -15.25
CA GLN D 209 13.00 0.74 -14.39
C GLN D 209 13.84 -0.13 -15.29
N GLY D 210 15.11 0.23 -15.48
CA GLY D 210 15.89 -0.33 -16.60
C GLY D 210 16.91 -1.41 -16.31
N GLU D 211 17.26 -1.64 -15.06
CA GLU D 211 18.23 -2.73 -14.77
C GLU D 211 19.63 -2.17 -14.77
N SER D 212 20.58 -2.99 -14.38
CA SER D 212 21.95 -2.56 -14.08
C SER D 212 22.89 -2.97 -15.22
N ILE D 213 23.81 -2.06 -15.58
CA ILE D 213 24.74 -2.30 -16.70
C ILE D 213 25.77 -3.29 -16.21
N TRP D 214 25.92 -3.45 -14.90
CA TRP D 214 26.87 -4.42 -14.37
C TRP D 214 26.27 -5.86 -14.32
N LEU D 215 24.97 -5.99 -14.19
CA LEU D 215 24.37 -7.30 -13.89
C LEU D 215 23.44 -7.76 -14.96
N ASP D 216 22.92 -6.83 -15.76
CA ASP D 216 21.81 -7.09 -16.71
C ASP D 216 22.04 -6.43 -18.05
N LEU D 217 23.31 -6.24 -18.43
CA LEU D 217 23.65 -5.59 -19.72
C LEU D 217 22.95 -6.21 -20.92
N GLU D 218 22.87 -7.55 -20.94
CA GLU D 218 22.26 -8.25 -22.11
C GLU D 218 20.77 -8.01 -22.16
N LEU D 219 20.13 -8.00 -20.98
CA LEU D 219 18.68 -7.62 -20.93
C LEU D 219 18.42 -6.21 -21.38
N ILE D 220 19.28 -5.26 -20.95
CA ILE D 220 19.09 -3.89 -21.40
C ILE D 220 19.16 -3.79 -22.93
N GLU D 221 20.17 -4.44 -23.52
CA GLU D 221 20.29 -4.43 -24.95
C GLU D 221 19.04 -4.99 -25.66
N LYS D 222 18.59 -6.14 -25.20
CA LYS D 222 17.40 -6.85 -25.79
C LYS D 222 16.12 -5.95 -25.68
N MET D 223 15.87 -5.43 -24.47
CA MET D 223 14.73 -4.48 -24.21
C MET D 223 14.71 -3.30 -25.10
N SER D 224 15.88 -2.71 -25.27
CA SER D 224 16.02 -1.48 -26.02
C SER D 224 15.77 -1.79 -27.51
N ARG D 225 16.34 -2.92 -27.97
CA ARG D 225 16.05 -3.36 -29.35
C ARG D 225 14.58 -3.58 -29.57
N PHE D 226 13.94 -4.34 -28.71
CA PHE D 226 12.51 -4.55 -29.00
C PHE D 226 11.59 -3.36 -28.73
N ILE D 227 11.96 -2.46 -27.83
CA ILE D 227 11.18 -1.26 -27.70
C ILE D 227 11.17 -0.53 -29.03
N ARG D 228 12.33 -0.38 -29.65
CA ARG D 228 12.47 0.23 -30.96
C ARG D 228 11.59 -0.48 -32.00
N GLU D 229 11.60 -1.80 -31.96
CA GLU D 229 10.97 -2.51 -33.09
C GLU D 229 9.48 -2.50 -32.93
N THR D 230 9.06 -2.52 -31.67
CA THR D 230 7.67 -2.40 -31.37
C THR D 230 7.07 -1.11 -31.92
N GLY D 231 7.92 -0.11 -32.19
CA GLY D 231 7.48 1.07 -32.88
C GLY D 231 7.86 2.43 -32.26
N PHE D 232 8.61 2.43 -31.16
CA PHE D 232 9.13 3.68 -30.62
C PHE D 232 10.26 4.10 -31.53
N ALA D 233 10.30 5.41 -31.80
CA ALA D 233 11.27 6.01 -32.68
C ALA D 233 12.68 5.92 -32.06
N SER D 234 12.80 6.02 -30.75
CA SER D 234 14.19 6.13 -30.14
C SER D 234 14.13 5.72 -28.66
N VAL D 235 15.24 5.27 -28.10
CA VAL D 235 15.22 4.70 -26.76
C VAL D 235 16.65 4.99 -26.31
N GLN D 236 16.79 5.58 -25.14
CA GLN D 236 18.15 5.93 -24.61
C GLN D 236 18.11 5.58 -23.15
N TYR D 237 19.24 5.09 -22.65
CA TYR D 237 19.32 4.60 -21.30
C TYR D 237 20.07 5.60 -20.40
N ALA D 238 19.44 5.98 -19.27
CA ALA D 238 19.96 6.98 -18.33
C ALA D 238 20.50 6.17 -17.14
N LEU D 239 21.74 6.35 -16.75
CA LEU D 239 22.34 5.66 -15.60
C LEU D 239 22.25 6.61 -14.36
N MET D 240 22.09 6.11 -13.15
CA MET D 240 22.03 6.97 -11.94
C MET D 240 22.63 6.23 -10.80
N HIS D 241 23.16 6.99 -9.87
CA HIS D 241 23.81 6.35 -8.72
C HIS D 241 22.79 6.10 -7.58
N VAL D 242 22.54 4.83 -7.23
CA VAL D 242 21.66 4.46 -6.12
C VAL D 242 22.42 3.52 -5.18
N PRO D 243 22.81 4.01 -3.99
CA PRO D 243 23.72 3.21 -3.11
C PRO D 243 23.15 1.93 -2.54
N THR D 244 21.82 1.79 -2.48
CA THR D 244 21.20 0.58 -1.84
C THR D 244 20.78 -0.51 -2.82
N TYR D 245 20.88 -0.21 -4.12
CA TYR D 245 20.62 -1.13 -5.20
C TYR D 245 21.88 -1.98 -5.54
N PRO D 246 21.69 -3.22 -6.07
CA PRO D 246 22.79 -4.10 -6.45
C PRO D 246 23.80 -3.40 -7.34
N CYS D 247 25.07 -3.42 -6.90
CA CYS D 247 26.20 -2.78 -7.60
C CYS D 247 26.17 -1.25 -7.69
N GLY D 248 25.36 -0.59 -6.83
CA GLY D 248 25.39 0.88 -6.67
C GLY D 248 24.77 1.69 -7.82
N SER D 249 24.12 1.03 -8.77
CA SER D 249 23.48 1.80 -9.85
C SER D 249 22.28 1.08 -10.49
N ILE D 250 21.53 1.87 -11.23
CA ILE D 250 20.39 1.27 -11.96
C ILE D 250 20.11 2.25 -13.09
N GLY D 251 19.21 1.95 -14.03
CA GLY D 251 19.06 2.94 -15.08
C GLY D 251 17.61 2.98 -15.50
N THR D 252 17.31 3.84 -16.48
CA THR D 252 15.94 3.85 -17.04
C THR D 252 16.04 4.03 -18.58
N LEU D 253 15.28 3.26 -19.36
CA LEU D 253 15.14 3.46 -20.80
C LEU D 253 14.14 4.57 -21.06
N VAL D 254 14.58 5.63 -21.72
CA VAL D 254 13.74 6.75 -21.92
C VAL D 254 13.40 6.73 -23.41
N CYS D 255 12.12 6.58 -23.73
CA CYS D 255 11.75 6.19 -25.07
C CYS D 255 10.79 7.22 -25.64
N SER D 256 10.94 7.56 -26.91
CA SER D 256 10.10 8.53 -27.53
C SER D 256 9.29 7.92 -28.68
N LYS D 257 7.99 8.16 -28.68
CA LYS D 257 7.13 7.72 -29.73
C LYS D 257 7.47 8.43 -31.05
N LYS D 258 7.60 9.74 -31.01
CA LYS D 258 7.82 10.56 -32.21
C LYS D 258 9.29 10.57 -32.63
N ALA D 259 9.50 10.64 -33.96
CA ALA D 259 10.83 10.72 -34.55
C ALA D 259 11.45 12.12 -34.34
N GLY D 260 12.79 12.19 -34.36
CA GLY D 260 13.55 13.44 -34.26
C GLY D 260 13.63 14.10 -32.87
N VAL D 261 13.49 13.27 -31.82
CA VAL D 261 13.46 13.82 -30.43
C VAL D 261 14.75 13.34 -29.76
N ASP D 262 15.50 14.26 -29.14
CA ASP D 262 16.74 13.85 -28.45
C ASP D 262 16.53 14.02 -26.93
N VAL D 263 16.30 12.90 -26.27
CA VAL D 263 15.86 12.96 -24.87
C VAL D 263 17.05 13.24 -24.00
N THR D 264 18.27 13.15 -24.56
CA THR D 264 19.53 13.29 -23.74
C THR D 264 19.86 14.74 -23.38
N LYS D 265 19.31 15.68 -24.11
CA LYS D 265 19.37 17.10 -23.71
C LYS D 265 17.97 17.53 -23.29
N PRO D 266 17.82 18.14 -22.11
CA PRO D 266 16.48 18.48 -21.60
C PRO D 266 15.72 19.43 -22.54
N LEU D 267 14.55 19.02 -23.01
CA LEU D 267 13.65 19.90 -23.75
C LEU D 267 13.06 21.07 -22.94
N ARG D 268 12.67 20.82 -21.68
CA ARG D 268 12.15 21.88 -20.83
C ARG D 268 12.99 21.85 -19.55
N PRO D 269 14.03 22.71 -19.48
CA PRO D 269 15.02 22.49 -18.40
C PRO D 269 14.40 22.78 -17.03
N VAL D 270 14.62 21.87 -16.07
CA VAL D 270 14.06 22.09 -14.77
C VAL D 270 14.46 23.48 -14.10
N GLU D 271 15.67 23.96 -14.38
CA GLU D 271 16.14 25.30 -13.88
C GLU D 271 15.15 26.44 -14.16
N ASP D 272 14.31 26.28 -15.18
CA ASP D 272 13.30 27.31 -15.49
C ASP D 272 11.99 27.14 -14.71
N MET D 273 11.94 26.15 -13.78
CA MET D 273 10.72 25.80 -13.14
C MET D 273 10.95 26.20 -11.70
N PRO D 274 9.89 26.54 -10.97
CA PRO D 274 10.08 27.08 -9.61
C PRO D 274 10.58 26.09 -8.62
N PHE D 275 10.40 24.78 -8.85
CA PHE D 275 10.88 23.77 -7.86
C PHE D 275 12.34 23.27 -7.97
N ALA D 276 13.10 23.73 -8.96
CA ALA D 276 14.45 23.16 -9.24
C ALA D 276 15.37 23.03 -8.04
N LYS D 277 15.33 24.03 -7.15
CA LYS D 277 16.16 24.03 -5.92
C LYS D 277 15.68 23.07 -4.88
N ASP D 278 14.43 22.63 -4.94
CA ASP D 278 13.94 21.56 -4.04
C ASP D 278 14.46 20.14 -4.32
N LEU D 279 15.06 19.92 -5.48
CA LEU D 279 15.59 18.61 -5.82
C LEU D 279 16.98 18.37 -5.16
N LYS D 280 17.20 17.12 -4.77
CA LYS D 280 18.44 16.73 -4.07
C LYS D 280 19.39 15.95 -5.01
N TYR D 281 18.91 15.48 -6.16
CA TYR D 281 19.78 14.76 -7.13
C TYR D 281 19.81 15.40 -8.53
N TYR D 282 18.62 15.43 -9.13
CA TYR D 282 18.43 15.86 -10.52
C TYR D 282 18.57 17.40 -10.81
N ASP D 283 19.25 17.74 -11.91
CA ASP D 283 19.25 19.07 -12.60
C ASP D 283 19.65 18.77 -14.06
N SER D 284 19.72 19.80 -14.94
CA SER D 284 20.02 19.55 -16.37
C SER D 284 21.42 18.97 -16.65
N GLU D 285 22.42 19.33 -15.82
CA GLU D 285 23.77 18.73 -15.96
C GLU D 285 23.74 17.23 -15.63
N MET D 286 23.07 16.84 -14.55
CA MET D 286 22.97 15.41 -14.25
C MET D 286 22.08 14.72 -15.34
N HIS D 287 21.02 15.37 -15.79
CA HIS D 287 20.21 14.80 -16.91
C HIS D 287 21.17 14.38 -18.11
N LYS D 288 21.87 15.36 -18.66
CA LYS D 288 22.82 15.14 -19.79
C LYS D 288 23.87 14.10 -19.44
N ALA D 289 24.46 14.21 -18.24
CA ALA D 289 25.51 13.27 -17.82
C ALA D 289 25.00 11.82 -17.72
N SER D 290 23.70 11.64 -17.37
CA SER D 290 23.14 10.34 -17.09
C SER D 290 23.15 9.45 -18.36
N PHE D 291 23.08 10.04 -19.54
CA PHE D 291 23.18 9.30 -20.80
C PHE D 291 24.58 8.96 -21.33
N ALA D 292 25.61 9.43 -20.66
CA ALA D 292 26.98 9.06 -21.04
C ALA D 292 27.30 7.74 -20.34
N LEU D 293 27.54 6.67 -21.11
CA LEU D 293 27.67 5.39 -20.49
C LEU D 293 29.14 4.93 -20.58
N PRO D 294 29.62 4.18 -19.58
CA PRO D 294 30.94 3.58 -19.73
C PRO D 294 31.08 2.97 -21.09
N ARG D 295 32.30 2.94 -21.61
CA ARG D 295 32.57 2.40 -22.96
C ARG D 295 32.02 0.99 -23.16
N PHE D 296 32.17 0.11 -22.17
CA PHE D 296 31.68 -1.30 -22.36
C PHE D 296 30.15 -1.36 -22.57
N ALA D 297 29.41 -0.33 -22.13
CA ALA D 297 27.94 -0.34 -22.23
C ALA D 297 27.46 0.63 -23.29
N ARG D 298 28.37 1.42 -23.83
CA ARG D 298 27.98 2.57 -24.71
C ARG D 298 27.10 2.18 -25.93
N HIS D 299 27.23 0.91 -26.40
CA HIS D 299 26.56 0.47 -27.64
C HIS D 299 25.06 0.47 -27.39
N ILE D 300 24.66 0.55 -26.11
CA ILE D 300 23.21 0.65 -25.76
C ILE D 300 22.65 1.93 -26.35
N ASN D 301 23.41 3.03 -26.21
CA ASN D 301 22.95 4.35 -26.69
C ASN D 301 23.43 4.81 -28.05
N ASN D 302 24.46 4.12 -28.60
CA ASN D 302 25.26 4.53 -29.75
C ASN D 302 26.37 5.58 -29.57
#